data_2GWG
#
_entry.id   2GWG
#
_cell.length_a   71.086
_cell.length_b   55.335
_cell.length_c   97.166
_cell.angle_alpha   90.00
_cell.angle_beta   90.26
_cell.angle_gamma   90.00
#
_symmetry.space_group_name_H-M   'P 1 21 1'
#
loop_
_entity.id
_entity.type
_entity.pdbx_description
1 polymer '4-oxalomesaconate hydratase'
2 non-polymer 'ZINC ION'
3 water water
#
_entity_poly.entity_id   1
_entity_poly.type   'polypeptide(L)'
_entity_poly.pdbx_seq_one_letter_code
;(MSE)IIDIHGHYTTAPKALEDWRNRQIAGIKDPSV(MSE)PKVSELKISDDELQASIIENQLKK(MSE)QERGSDLTVF
SPRASF(MSE)AHHIGDFNVSSTWAAICNELCYRVSQLFPDNFIGAA(MSE)LPQSPGVDPKTCIPELEKCVKEYGFVAI
NLNPDPSGGHWTSPPLTDRIWYPIYEK(MSE)VELEIPA(MSE)IHVSTSCNTCFHTTGAHYLNADTTAF(MSE)QCVAG
DLFKDFPELKFVIPHGGGAVPYHWGRFRGLAQE(MSE)KKPLLEDHVLNNIFFDTCVYHQPGIDLLNTVIPVDNVLFASE
(MSE)IGAVRGIDPRTGFYYDDTKRYIEASTILTPEEKQQIYEGNARRVYPRLDAALKAKGKLEHHHHHH
;
_entity_poly.pdbx_strand_id   A,B
#
loop_
_chem_comp.id
_chem_comp.type
_chem_comp.name
_chem_comp.formula
ZN non-polymer 'ZINC ION' 'Zn 2'
#
# COMPACT_ATOMS: atom_id res chain seq x y z
N MSE A 1 -3.04 -23.34 -22.58
CA MSE A 1 -1.75 -23.32 -21.84
C MSE A 1 -1.82 -22.31 -20.70
O MSE A 1 -2.79 -21.54 -20.61
CB MSE A 1 -0.61 -22.93 -22.79
CG MSE A 1 -0.71 -21.51 -23.34
SE MSE A 1 0.69 -21.09 -24.60
CE MSE A 1 2.19 -21.07 -23.38
N ILE A 2 -0.82 -22.33 -19.83
CA ILE A 2 -0.78 -21.42 -18.69
C ILE A 2 0.45 -20.54 -18.80
N ILE A 3 0.22 -19.23 -18.88
CA ILE A 3 1.30 -18.25 -19.01
C ILE A 3 1.46 -17.45 -17.71
N ASP A 4 2.67 -17.45 -17.16
CA ASP A 4 3.00 -16.74 -15.91
C ASP A 4 3.70 -15.44 -16.35
N ILE A 5 3.01 -14.30 -16.26
CA ILE A 5 3.58 -13.03 -16.72
C ILE A 5 4.52 -12.31 -15.75
N HIS A 6 4.79 -12.91 -14.60
CA HIS A 6 5.64 -12.27 -13.62
C HIS A 6 6.65 -13.24 -13.02
N GLY A 7 7.91 -13.12 -13.43
CA GLY A 7 8.94 -13.99 -12.92
C GLY A 7 10.30 -13.39 -13.20
N HIS A 8 11.22 -13.53 -12.25
CA HIS A 8 12.56 -12.98 -12.40
C HIS A 8 13.64 -14.03 -12.32
N TYR A 9 14.78 -13.76 -12.96
CA TYR A 9 15.91 -14.69 -12.95
C TYR A 9 16.67 -14.47 -11.66
N THR A 10 16.18 -15.12 -10.60
CA THR A 10 16.72 -15.02 -9.25
C THR A 10 17.71 -16.12 -8.91
N THR A 11 18.00 -16.97 -9.88
CA THR A 11 18.90 -18.09 -9.64
C THR A 11 20.18 -18.02 -10.46
N ALA A 12 20.59 -16.80 -10.80
CA ALA A 12 21.81 -16.62 -11.58
C ALA A 12 23.04 -17.00 -10.77
N PRO A 13 24.12 -17.41 -11.44
CA PRO A 13 25.37 -17.79 -10.78
C PRO A 13 25.94 -16.62 -9.97
N LYS A 14 26.67 -16.92 -8.92
CA LYS A 14 27.25 -15.89 -8.07
C LYS A 14 28.16 -14.93 -8.84
N ALA A 15 28.66 -15.39 -9.98
CA ALA A 15 29.53 -14.56 -10.81
C ALA A 15 28.87 -13.22 -11.13
N LEU A 16 27.55 -13.24 -11.30
CA LEU A 16 26.81 -12.02 -11.62
C LEU A 16 26.85 -11.02 -10.47
N GLU A 17 26.51 -11.48 -9.27
CA GLU A 17 26.51 -10.61 -8.10
C GLU A 17 27.90 -10.05 -7.82
N ASP A 18 28.92 -10.89 -7.96
CA ASP A 18 30.30 -10.45 -7.73
C ASP A 18 30.69 -9.35 -8.70
N TRP A 19 30.31 -9.52 -9.97
CA TRP A 19 30.65 -8.53 -10.98
C TRP A 19 29.93 -7.23 -10.62
N ARG A 20 28.65 -7.35 -10.27
CA ARG A 20 27.84 -6.19 -9.89
C ARG A 20 28.50 -5.39 -8.78
N ASN A 21 28.91 -6.08 -7.71
CA ASN A 21 29.55 -5.39 -6.59
C ASN A 21 30.79 -4.63 -7.05
N ARG A 22 31.54 -5.21 -7.97
CA ARG A 22 32.74 -4.57 -8.49
C ARG A 22 32.36 -3.31 -9.25
N GLN A 23 31.31 -3.40 -10.07
CA GLN A 23 30.85 -2.25 -10.84
C GLN A 23 30.45 -1.13 -9.90
N ILE A 24 29.72 -1.49 -8.84
CA ILE A 24 29.26 -0.51 -7.87
C ILE A 24 30.45 0.17 -7.18
N ALA A 25 31.45 -0.63 -6.80
CA ALA A 25 32.63 -0.10 -6.14
C ALA A 25 33.50 0.68 -7.13
N GLY A 26 33.17 0.57 -8.41
CA GLY A 26 33.92 1.25 -9.44
C GLY A 26 33.51 2.71 -9.63
N ILE A 27 32.27 3.02 -9.29
CA ILE A 27 31.75 4.38 -9.43
C ILE A 27 32.58 5.32 -8.53
N LYS A 28 33.07 4.79 -7.42
CA LYS A 28 33.85 5.56 -6.46
C LYS A 28 35.35 5.35 -6.72
N ASP A 29 35.72 4.09 -6.98
CA ASP A 29 37.11 3.73 -7.25
C ASP A 29 37.21 3.20 -8.68
N PRO A 30 37.66 4.04 -9.62
CA PRO A 30 37.80 3.63 -11.01
C PRO A 30 38.81 2.52 -11.28
N SER A 31 39.74 2.31 -10.35
CA SER A 31 40.75 1.27 -10.53
C SER A 31 40.17 -0.14 -10.41
N VAL A 32 39.00 -0.24 -9.77
CA VAL A 32 38.36 -1.54 -9.59
C VAL A 32 37.20 -1.74 -10.56
N MSE A 33 37.07 -0.85 -11.55
CA MSE A 33 36.00 -0.95 -12.53
C MSE A 33 36.16 -2.22 -13.36
O MSE A 33 37.15 -2.39 -14.07
CB MSE A 33 36.01 0.26 -13.46
CG MSE A 33 35.51 1.54 -12.82
SE MSE A 33 35.69 3.03 -14.03
CE MSE A 33 34.17 2.67 -15.18
N PRO A 34 35.18 -3.13 -13.29
CA PRO A 34 35.24 -4.38 -14.05
C PRO A 34 34.83 -4.18 -15.51
N LYS A 35 35.28 -5.09 -16.37
CA LYS A 35 34.94 -5.04 -17.79
C LYS A 35 33.89 -6.11 -18.05
N VAL A 36 33.01 -5.86 -19.01
CA VAL A 36 31.95 -6.80 -19.35
C VAL A 36 32.54 -8.17 -19.70
N SER A 37 33.67 -8.16 -20.40
CA SER A 37 34.32 -9.41 -20.80
C SER A 37 34.78 -10.23 -19.60
N GLU A 38 34.80 -9.60 -18.42
CA GLU A 38 35.23 -10.28 -17.20
C GLU A 38 34.13 -11.13 -16.59
N LEU A 39 32.89 -10.88 -16.96
CA LEU A 39 31.76 -11.64 -16.45
C LEU A 39 31.71 -12.98 -17.16
N LYS A 40 31.83 -14.05 -16.38
CA LYS A 40 31.82 -15.40 -16.93
C LYS A 40 30.61 -16.22 -16.51
N ILE A 41 29.68 -16.43 -17.44
CA ILE A 41 28.49 -17.22 -17.19
C ILE A 41 28.28 -18.10 -18.41
N SER A 42 28.54 -19.38 -18.25
CA SER A 42 28.42 -20.35 -19.34
C SER A 42 27.00 -20.85 -19.56
N ASP A 43 26.78 -21.49 -20.71
CA ASP A 43 25.46 -22.03 -21.01
C ASP A 43 25.13 -23.13 -20.03
N ASP A 44 26.13 -23.93 -19.65
CA ASP A 44 25.89 -25.03 -18.72
C ASP A 44 25.44 -24.49 -17.36
N GLU A 45 26.05 -23.38 -16.94
CA GLU A 45 25.70 -22.77 -15.66
C GLU A 45 24.27 -22.24 -15.75
N LEU A 46 23.91 -21.67 -16.90
CA LEU A 46 22.56 -21.14 -17.08
C LEU A 46 21.55 -22.27 -17.08
N GLN A 47 21.83 -23.31 -17.85
CA GLN A 47 20.93 -24.46 -17.94
C GLN A 47 20.69 -25.08 -16.57
N ALA A 48 21.77 -25.29 -15.81
CA ALA A 48 21.65 -25.89 -14.49
C ALA A 48 20.79 -25.04 -13.56
N SER A 49 21.00 -23.73 -13.59
CA SER A 49 20.25 -22.83 -12.72
C SER A 49 18.75 -22.87 -13.01
N ILE A 50 18.40 -23.10 -14.27
CA ILE A 50 17.00 -23.15 -14.68
C ILE A 50 16.37 -24.54 -14.51
N ILE A 51 17.08 -25.56 -14.98
CA ILE A 51 16.58 -26.93 -14.88
C ILE A 51 16.24 -27.36 -13.47
N GLU A 52 17.12 -27.02 -12.53
CA GLU A 52 16.94 -27.40 -11.13
C GLU A 52 16.01 -26.49 -10.33
N ASN A 53 15.67 -25.34 -10.90
CA ASN A 53 14.82 -24.39 -10.19
C ASN A 53 13.51 -24.03 -10.90
N GLN A 54 13.52 -22.95 -11.68
CA GLN A 54 12.32 -22.51 -12.38
C GLN A 54 11.64 -23.57 -13.23
N LEU A 55 12.42 -24.24 -14.08
CA LEU A 55 11.86 -25.26 -14.95
C LEU A 55 11.23 -26.39 -14.13
N LYS A 56 11.96 -26.84 -13.12
CA LYS A 56 11.47 -27.91 -12.26
C LYS A 56 10.15 -27.55 -11.58
N LYS A 57 10.07 -26.35 -11.03
CA LYS A 57 8.85 -25.93 -10.36
C LYS A 57 7.70 -25.74 -11.32
N MSE A 58 7.97 -25.18 -12.50
CA MSE A 58 6.93 -24.98 -13.51
C MSE A 58 6.30 -26.32 -13.87
O MSE A 58 5.08 -26.43 -14.05
CB MSE A 58 7.50 -24.36 -14.77
CG MSE A 58 7.89 -22.89 -14.64
SE MSE A 58 8.80 -22.29 -16.26
CE MSE A 58 7.47 -22.82 -17.53
N GLN A 59 7.12 -27.34 -13.99
CA GLN A 59 6.63 -28.68 -14.34
C GLN A 59 5.75 -29.24 -13.23
N GLU A 60 6.24 -29.13 -11.99
CA GLU A 60 5.51 -29.63 -10.83
C GLU A 60 4.16 -28.92 -10.66
N ARG A 61 4.17 -27.61 -10.87
CA ARG A 61 2.97 -26.79 -10.69
C ARG A 61 2.07 -26.67 -11.90
N GLY A 62 2.52 -27.15 -13.05
CA GLY A 62 1.70 -27.08 -14.24
C GLY A 62 1.63 -25.73 -14.95
N SER A 63 2.77 -25.06 -15.05
CA SER A 63 2.83 -23.78 -15.74
C SER A 63 3.64 -24.03 -17.00
N ASP A 64 3.28 -23.38 -18.10
CA ASP A 64 3.95 -23.61 -19.38
C ASP A 64 4.97 -22.57 -19.85
N LEU A 65 4.62 -21.29 -19.73
CA LEU A 65 5.50 -20.22 -20.19
C LEU A 65 5.56 -19.07 -19.18
N THR A 66 6.78 -18.60 -18.92
CA THR A 66 6.97 -17.48 -18.00
C THR A 66 7.59 -16.31 -18.75
N VAL A 67 7.06 -15.11 -18.51
CA VAL A 67 7.62 -13.90 -19.10
C VAL A 67 8.71 -13.60 -18.07
N PHE A 68 9.96 -13.92 -18.44
CA PHE A 68 11.14 -13.80 -17.58
C PHE A 68 11.89 -12.49 -17.70
N SER A 69 12.07 -11.80 -16.57
CA SER A 69 12.79 -10.54 -16.56
C SER A 69 13.86 -10.52 -15.48
N PRO A 70 14.83 -9.60 -15.57
CA PRO A 70 15.90 -9.49 -14.59
C PRO A 70 15.37 -9.20 -13.19
N ARG A 71 16.12 -9.62 -12.17
CA ARG A 71 15.74 -9.40 -10.78
C ARG A 71 15.54 -7.92 -10.50
N ALA A 72 14.73 -7.61 -9.49
CA ALA A 72 14.43 -6.24 -9.10
C ALA A 72 15.72 -5.47 -8.77
N GLY A 80 24.28 4.97 -9.73
CA GLY A 80 25.28 5.70 -10.50
C GLY A 80 24.68 6.57 -11.59
N ASP A 81 25.37 6.64 -12.72
CA ASP A 81 24.90 7.43 -13.85
C ASP A 81 24.25 6.55 -14.90
N PHE A 82 24.12 7.07 -16.12
CA PHE A 82 23.51 6.31 -17.20
C PHE A 82 24.43 5.22 -17.75
N ASN A 83 25.71 5.53 -17.90
CA ASN A 83 26.67 4.56 -18.43
C ASN A 83 26.63 3.26 -17.62
N VAL A 84 26.57 3.39 -16.30
CA VAL A 84 26.52 2.22 -15.42
C VAL A 84 25.22 1.45 -15.63
N SER A 85 24.09 2.14 -15.47
CA SER A 85 22.79 1.52 -15.64
C SER A 85 22.64 0.90 -17.04
N SER A 86 23.18 1.59 -18.04
CA SER A 86 23.11 1.11 -19.41
C SER A 86 23.85 -0.23 -19.53
N THR A 87 25.02 -0.30 -18.93
CA THR A 87 25.84 -1.52 -18.97
C THR A 87 25.19 -2.66 -18.18
N TRP A 88 24.73 -2.35 -16.97
CA TRP A 88 24.09 -3.33 -16.11
C TRP A 88 22.82 -3.90 -16.75
N ALA A 89 21.99 -3.01 -17.28
CA ALA A 89 20.74 -3.43 -17.91
C ALA A 89 21.02 -4.34 -19.11
N ALA A 90 21.97 -3.93 -19.95
CA ALA A 90 22.30 -4.73 -21.13
C ALA A 90 22.75 -6.13 -20.73
N ILE A 91 23.51 -6.22 -19.65
CA ILE A 91 24.00 -7.51 -19.14
C ILE A 91 22.84 -8.38 -18.66
N CYS A 92 21.99 -7.81 -17.83
CA CYS A 92 20.86 -8.56 -17.29
C CYS A 92 19.85 -9.00 -18.34
N ASN A 93 19.57 -8.12 -19.30
CA ASN A 93 18.62 -8.48 -20.34
C ASN A 93 19.20 -9.58 -21.22
N GLU A 94 20.49 -9.48 -21.53
CA GLU A 94 21.12 -10.50 -22.36
C GLU A 94 21.03 -11.87 -21.70
N LEU A 95 21.18 -11.91 -20.38
CA LEU A 95 21.10 -13.17 -19.65
C LEU A 95 19.70 -13.78 -19.77
N CYS A 96 18.67 -12.97 -19.63
CA CYS A 96 17.31 -13.47 -19.75
C CYS A 96 17.10 -13.94 -21.18
N TYR A 97 17.70 -13.24 -22.14
CA TYR A 97 17.59 -13.63 -23.53
C TYR A 97 18.26 -14.99 -23.74
N ARG A 98 19.45 -15.17 -23.17
CA ARG A 98 20.16 -16.44 -23.30
C ARG A 98 19.33 -17.58 -22.71
N VAL A 99 18.63 -17.30 -21.62
CA VAL A 99 17.78 -18.31 -21.00
C VAL A 99 16.66 -18.68 -21.96
N SER A 100 16.06 -17.67 -22.61
CA SER A 100 14.98 -17.94 -23.56
C SER A 100 15.46 -18.75 -24.77
N GLN A 101 16.72 -18.54 -25.20
CA GLN A 101 17.30 -19.31 -26.31
C GLN A 101 17.53 -20.76 -25.93
N LEU A 102 17.92 -20.98 -24.68
CA LEU A 102 18.18 -22.31 -24.13
C LEU A 102 16.88 -23.09 -23.85
N PHE A 103 15.82 -22.37 -23.51
CA PHE A 103 14.53 -22.97 -23.20
C PHE A 103 13.43 -22.11 -23.84
N PRO A 104 13.37 -22.10 -25.18
CA PRO A 104 12.39 -21.33 -25.96
C PRO A 104 10.91 -21.59 -25.74
N ASP A 105 10.57 -22.75 -25.18
CA ASP A 105 9.16 -23.05 -24.95
C ASP A 105 8.70 -22.67 -23.55
N ASN A 106 9.64 -22.37 -22.66
CA ASN A 106 9.29 -22.06 -21.29
C ASN A 106 9.58 -20.65 -20.79
N PHE A 107 10.42 -19.91 -21.50
CA PHE A 107 10.75 -18.55 -21.08
C PHE A 107 10.76 -17.57 -22.25
N ILE A 108 10.18 -16.40 -21.99
CA ILE A 108 10.11 -15.32 -22.97
C ILE A 108 10.51 -14.08 -22.18
N GLY A 109 11.42 -13.28 -22.73
CA GLY A 109 11.89 -12.11 -22.00
C GLY A 109 11.05 -10.85 -21.89
N ALA A 110 11.30 -10.13 -20.79
CA ALA A 110 10.67 -8.86 -20.49
C ALA A 110 11.88 -7.99 -20.15
N ALA A 111 11.98 -6.84 -20.79
CA ALA A 111 13.12 -5.95 -20.60
C ALA A 111 13.22 -5.07 -19.37
N MSE A 112 14.45 -4.93 -18.88
CA MSE A 112 14.79 -4.09 -17.74
C MSE A 112 15.35 -2.83 -18.39
O MSE A 112 16.29 -2.92 -19.19
CB MSE A 112 15.89 -4.75 -16.91
CG MSE A 112 16.38 -3.91 -15.73
SE MSE A 112 18.15 -4.39 -15.07
CE MSE A 112 18.87 -2.60 -14.85
N LEU A 113 14.80 -1.66 -18.08
CA LEU A 113 15.30 -0.42 -18.68
C LEU A 113 16.40 0.22 -17.85
N PRO A 114 17.43 0.77 -18.50
CA PRO A 114 18.54 1.41 -17.79
C PRO A 114 18.18 2.79 -17.24
N GLN A 115 17.11 2.84 -16.45
CA GLN A 115 16.67 4.09 -15.86
C GLN A 115 17.65 4.57 -14.81
N SER A 116 17.72 5.89 -14.64
CA SER A 116 18.61 6.50 -13.67
C SER A 116 18.05 7.86 -13.27
N PRO A 117 18.05 8.16 -11.96
CA PRO A 117 17.55 9.44 -11.44
C PRO A 117 18.19 10.64 -12.14
N GLY A 118 17.36 11.61 -12.51
CA GLY A 118 17.86 12.79 -13.18
C GLY A 118 18.19 12.59 -14.64
N VAL A 119 17.96 11.38 -15.13
CA VAL A 119 18.24 11.06 -16.52
C VAL A 119 16.94 10.94 -17.30
N ASP A 120 16.86 11.64 -18.43
CA ASP A 120 15.66 11.61 -19.26
C ASP A 120 15.36 10.18 -19.70
N PRO A 121 14.18 9.66 -19.32
CA PRO A 121 13.73 8.31 -19.66
C PRO A 121 13.85 7.94 -21.14
N LYS A 122 13.85 8.95 -22.00
CA LYS A 122 13.96 8.71 -23.44
C LYS A 122 15.25 7.98 -23.78
N THR A 123 16.24 8.10 -22.91
CA THR A 123 17.53 7.46 -23.15
C THR A 123 17.44 5.93 -23.04
N CYS A 124 16.28 5.42 -22.64
CA CYS A 124 16.07 3.98 -22.50
C CYS A 124 15.56 3.32 -23.77
N ILE A 125 15.15 4.14 -24.73
CA ILE A 125 14.61 3.63 -25.99
C ILE A 125 15.57 2.65 -26.70
N PRO A 126 16.86 2.98 -26.78
CA PRO A 126 17.83 2.09 -27.44
C PRO A 126 17.78 0.66 -26.92
N GLU A 127 17.92 0.50 -25.61
CA GLU A 127 17.89 -0.83 -24.99
C GLU A 127 16.51 -1.46 -25.22
N LEU A 128 15.47 -0.64 -25.12
CA LEU A 128 14.11 -1.12 -25.31
C LEU A 128 13.93 -1.72 -26.71
N GLU A 129 14.29 -0.95 -27.73
CA GLU A 129 14.14 -1.42 -29.11
C GLU A 129 15.00 -2.66 -29.36
N LYS A 130 16.20 -2.68 -28.78
CA LYS A 130 17.09 -3.82 -28.95
C LYS A 130 16.44 -5.10 -28.43
N CYS A 131 15.93 -5.04 -27.20
CA CYS A 131 15.30 -6.19 -26.57
C CYS A 131 14.08 -6.70 -27.34
N VAL A 132 13.27 -5.78 -27.84
CA VAL A 132 12.06 -6.15 -28.57
C VAL A 132 12.35 -6.63 -30.00
N LYS A 133 13.21 -5.90 -30.72
CA LYS A 133 13.51 -6.24 -32.10
C LYS A 133 14.56 -7.36 -32.26
N GLU A 134 15.58 -7.36 -31.41
CA GLU A 134 16.63 -8.37 -31.49
C GLU A 134 16.46 -9.57 -30.55
N TYR A 135 16.02 -9.32 -29.31
CA TYR A 135 15.85 -10.41 -28.36
C TYR A 135 14.47 -11.05 -28.42
N GLY A 136 13.51 -10.36 -29.04
CA GLY A 136 12.17 -10.90 -29.13
C GLY A 136 11.39 -10.76 -27.84
N PHE A 137 11.77 -9.80 -27.00
CA PHE A 137 11.07 -9.58 -25.73
C PHE A 137 9.65 -9.10 -26.03
N VAL A 138 8.73 -9.36 -25.11
CA VAL A 138 7.33 -8.98 -25.30
C VAL A 138 6.79 -7.91 -24.37
N ALA A 139 7.65 -7.39 -23.49
CA ALA A 139 7.23 -6.36 -22.55
C ALA A 139 8.43 -5.73 -21.86
N ILE A 140 8.18 -4.70 -21.07
CA ILE A 140 9.23 -4.02 -20.34
C ILE A 140 8.79 -3.81 -18.89
N ASN A 141 9.77 -3.67 -18.00
CA ASN A 141 9.47 -3.41 -16.60
C ASN A 141 9.80 -1.93 -16.42
N LEU A 142 8.79 -1.11 -16.16
CA LEU A 142 8.98 0.32 -16.00
C LEU A 142 8.97 0.71 -14.52
N ASN A 143 10.08 1.26 -14.05
CA ASN A 143 10.21 1.67 -12.65
C ASN A 143 9.68 3.10 -12.50
N PRO A 144 8.57 3.27 -11.75
CA PRO A 144 7.97 4.59 -11.54
C PRO A 144 8.82 5.50 -10.65
N ASP A 145 9.69 4.90 -9.85
CA ASP A 145 10.56 5.67 -8.97
C ASP A 145 11.98 5.11 -8.97
N PRO A 146 12.73 5.40 -10.04
CA PRO A 146 14.11 4.93 -10.19
C PRO A 146 15.03 5.44 -9.08
N SER A 147 14.59 6.46 -8.37
CA SER A 147 15.38 7.03 -7.27
C SER A 147 15.45 6.04 -6.11
N GLY A 148 14.46 5.17 -6.03
CA GLY A 148 14.43 4.17 -4.97
C GLY A 148 13.84 4.67 -3.67
N GLY A 149 12.50 4.69 -3.61
CA GLY A 149 11.83 5.14 -2.40
C GLY A 149 11.76 6.64 -2.25
N HIS A 150 12.58 7.36 -3.00
CA HIS A 150 12.61 8.82 -2.94
C HIS A 150 11.31 9.48 -3.39
N TRP A 151 10.64 8.88 -4.36
CA TRP A 151 9.39 9.45 -4.87
C TRP A 151 9.67 10.82 -5.48
N THR A 152 10.95 11.07 -5.75
CA THR A 152 11.38 12.34 -6.32
C THR A 152 11.18 12.36 -7.83
N SER A 153 10.63 11.28 -8.36
CA SER A 153 10.38 11.18 -9.80
C SER A 153 8.94 11.58 -10.11
N PRO A 154 8.72 12.22 -11.26
CA PRO A 154 7.36 12.64 -11.66
C PRO A 154 6.41 11.47 -11.89
N PRO A 155 5.10 11.71 -11.68
CA PRO A 155 4.09 10.67 -11.85
C PRO A 155 4.05 10.12 -13.28
N LEU A 156 3.55 8.89 -13.41
CA LEU A 156 3.45 8.24 -14.71
C LEU A 156 2.63 9.05 -15.70
N THR A 157 1.87 10.02 -15.20
CA THR A 157 1.05 10.86 -16.08
C THR A 157 1.83 12.05 -16.64
N ASP A 158 3.04 12.27 -16.15
CA ASP A 158 3.88 13.38 -16.60
C ASP A 158 4.42 13.19 -18.02
N ARG A 159 4.48 14.29 -18.78
CA ARG A 159 4.96 14.28 -20.16
C ARG A 159 6.33 13.64 -20.36
N ILE A 160 7.15 13.65 -19.32
CA ILE A 160 8.49 13.10 -19.40
C ILE A 160 8.52 11.63 -19.82
N TRP A 161 7.43 10.90 -19.53
CA TRP A 161 7.36 9.48 -19.89
C TRP A 161 6.82 9.20 -21.28
N TYR A 162 6.15 10.17 -21.90
CA TYR A 162 5.57 9.97 -23.22
C TYR A 162 6.47 9.30 -24.26
N PRO A 163 7.75 9.69 -24.32
CA PRO A 163 8.66 9.08 -25.30
C PRO A 163 8.64 7.55 -25.22
N ILE A 164 8.55 7.02 -24.01
CA ILE A 164 8.51 5.58 -23.82
C ILE A 164 7.14 5.05 -24.23
N TYR A 165 6.08 5.73 -23.83
CA TYR A 165 4.73 5.32 -24.18
C TYR A 165 4.56 5.27 -25.69
N GLU A 166 5.21 6.19 -26.39
CA GLU A 166 5.14 6.25 -27.84
C GLU A 166 5.71 4.96 -28.42
N LYS A 167 6.88 4.57 -27.92
CA LYS A 167 7.53 3.36 -28.38
C LYS A 167 6.72 2.13 -28.00
N MSE A 168 6.12 2.17 -26.82
CA MSE A 168 5.30 1.06 -26.35
C MSE A 168 4.11 0.82 -27.27
O MSE A 168 3.86 -0.31 -27.70
CB MSE A 168 4.81 1.31 -24.92
CG MSE A 168 5.90 1.20 -23.86
SE MSE A 168 5.25 1.65 -22.09
CE MSE A 168 3.74 0.44 -21.99
N VAL A 169 3.36 1.88 -27.57
CA VAL A 169 2.19 1.76 -28.43
C VAL A 169 2.61 1.34 -29.83
N GLU A 170 3.76 1.85 -30.28
CA GLU A 170 4.29 1.53 -31.61
C GLU A 170 4.65 0.05 -31.73
N LEU A 171 5.40 -0.45 -30.76
CA LEU A 171 5.85 -1.85 -30.76
C LEU A 171 4.83 -2.82 -30.17
N GLU A 172 3.71 -2.30 -29.70
CA GLU A 172 2.66 -3.12 -29.10
C GLU A 172 3.15 -3.94 -27.92
N ILE A 173 3.74 -3.28 -26.93
CA ILE A 173 4.22 -3.96 -25.75
C ILE A 173 3.71 -3.29 -24.49
N PRO A 174 3.25 -4.08 -23.52
CA PRO A 174 2.75 -3.50 -22.26
C PRO A 174 3.94 -3.30 -21.32
N ALA A 175 3.73 -2.59 -20.22
CA ALA A 175 4.78 -2.35 -19.25
C ALA A 175 4.30 -2.75 -17.86
N MSE A 176 5.10 -3.53 -17.15
CA MSE A 176 4.71 -3.90 -15.79
C MSE A 176 5.34 -2.84 -14.88
O MSE A 176 6.56 -2.64 -14.91
CB MSE A 176 5.25 -5.27 -15.40
CG MSE A 176 4.86 -5.70 -14.00
SE MSE A 176 5.48 -7.45 -13.52
CE MSE A 176 4.00 -8.47 -14.25
N ILE A 177 4.49 -2.16 -14.11
CA ILE A 177 4.98 -1.14 -13.18
C ILE A 177 5.71 -1.91 -12.11
N HIS A 178 7.02 -1.76 -12.07
CA HIS A 178 7.84 -2.51 -11.13
C HIS A 178 8.96 -1.65 -10.56
N VAL A 179 9.10 -1.65 -9.24
CA VAL A 179 10.14 -0.89 -8.56
C VAL A 179 11.24 -1.83 -8.06
N SER A 180 12.40 -1.26 -7.73
CA SER A 180 13.52 -2.04 -7.23
C SER A 180 13.16 -2.68 -5.89
N THR A 190 10.49 -0.77 3.02
CA THR A 190 11.32 -1.34 1.96
C THR A 190 10.95 -2.81 1.73
N GLY A 191 10.73 -3.52 2.82
CA GLY A 191 10.39 -4.92 2.74
C GLY A 191 9.12 -5.18 1.94
N ALA A 192 8.31 -4.13 1.79
CA ALA A 192 7.06 -4.22 1.03
C ALA A 192 6.84 -2.94 0.23
N HIS A 193 7.93 -2.35 -0.24
CA HIS A 193 7.86 -1.13 -1.03
C HIS A 193 7.13 -1.37 -2.33
N TYR A 194 7.26 -2.57 -2.88
CA TYR A 194 6.60 -2.88 -4.14
C TYR A 194 5.08 -2.79 -4.03
N LEU A 195 4.53 -3.14 -2.87
CA LEU A 195 3.08 -3.06 -2.70
C LEU A 195 2.63 -1.60 -2.76
N ASN A 196 3.40 -0.72 -2.15
CA ASN A 196 3.09 0.70 -2.13
C ASN A 196 3.18 1.31 -3.53
N ALA A 197 4.21 0.93 -4.26
CA ALA A 197 4.41 1.44 -5.62
C ALA A 197 3.22 1.11 -6.52
N ASP A 198 2.66 -0.09 -6.35
CA ASP A 198 1.52 -0.53 -7.15
C ASP A 198 0.31 0.39 -6.93
N THR A 199 -0.01 0.62 -5.66
CA THR A 199 -1.13 1.47 -5.30
C THR A 199 -0.93 2.90 -5.79
N THR A 200 0.27 3.41 -5.62
CA THR A 200 0.58 4.78 -6.04
C THR A 200 0.41 4.94 -7.56
N ALA A 201 0.93 3.99 -8.32
CA ALA A 201 0.82 4.03 -9.77
C ALA A 201 -0.65 4.08 -10.19
N PHE A 202 -1.49 3.28 -9.55
CA PHE A 202 -2.90 3.27 -9.89
C PHE A 202 -3.56 4.61 -9.56
N MSE A 203 -3.26 5.14 -8.38
CA MSE A 203 -3.83 6.41 -7.96
C MSE A 203 -3.46 7.54 -8.91
O MSE A 203 -4.28 8.39 -9.24
CB MSE A 203 -3.35 6.76 -6.55
CG MSE A 203 -3.88 8.08 -5.99
SE MSE A 203 -5.79 8.07 -5.61
CE MSE A 203 -6.43 8.95 -7.20
N GLN A 204 -2.21 7.55 -9.38
CA GLN A 204 -1.77 8.59 -10.31
C GLN A 204 -2.58 8.55 -11.60
N CYS A 205 -2.85 7.36 -12.10
CA CYS A 205 -3.62 7.22 -13.33
C CYS A 205 -5.06 7.67 -13.13
N VAL A 206 -5.64 7.33 -11.98
CA VAL A 206 -7.02 7.73 -11.71
C VAL A 206 -7.08 9.26 -11.61
N ALA A 207 -6.12 9.84 -10.91
CA ALA A 207 -6.07 11.31 -10.74
C ALA A 207 -5.87 12.06 -12.06
N GLY A 208 -5.14 11.45 -12.99
CA GLY A 208 -4.88 12.10 -14.27
C GLY A 208 -5.73 11.55 -15.40
N ASP A 209 -5.17 11.54 -16.60
CA ASP A 209 -5.89 11.04 -17.77
C ASP A 209 -4.90 10.73 -18.89
N LEU A 210 -3.95 9.85 -18.57
CA LEU A 210 -2.92 9.44 -19.51
C LEU A 210 -3.45 8.71 -20.72
N PHE A 211 -4.43 7.84 -20.49
CA PHE A 211 -4.99 7.04 -21.56
C PHE A 211 -5.81 7.81 -22.59
N LYS A 212 -5.98 9.11 -22.34
CA LYS A 212 -6.71 9.95 -23.30
C LYS A 212 -5.76 10.14 -24.47
N ASP A 213 -4.47 10.33 -24.16
CA ASP A 213 -3.45 10.53 -25.19
C ASP A 213 -2.91 9.20 -25.73
N PHE A 214 -3.00 8.15 -24.92
CA PHE A 214 -2.51 6.82 -25.29
C PHE A 214 -3.59 5.78 -25.03
N PRO A 215 -4.65 5.75 -25.86
CA PRO A 215 -5.75 4.81 -25.73
C PRO A 215 -5.35 3.33 -25.75
N GLU A 216 -4.28 3.00 -26.48
CA GLU A 216 -3.81 1.64 -26.60
C GLU A 216 -2.75 1.23 -25.58
N LEU A 217 -2.27 2.19 -24.79
CA LEU A 217 -1.24 1.93 -23.79
C LEU A 217 -1.74 0.96 -22.72
N LYS A 218 -0.91 0.01 -22.31
CA LYS A 218 -1.34 -0.93 -21.29
C LYS A 218 -0.32 -1.12 -20.18
N PHE A 219 -0.78 -0.97 -18.95
CA PHE A 219 0.06 -1.14 -17.78
C PHE A 219 -0.41 -2.37 -17.02
N VAL A 220 0.55 -3.09 -16.45
CA VAL A 220 0.24 -4.24 -15.64
C VAL A 220 0.76 -3.88 -14.25
N ILE A 221 -0.12 -3.91 -13.27
CA ILE A 221 0.26 -3.61 -11.91
C ILE A 221 0.31 -4.96 -11.20
N PRO A 222 1.49 -5.34 -10.71
CA PRO A 222 1.69 -6.61 -10.03
C PRO A 222 1.12 -6.70 -8.62
N HIS A 223 1.21 -7.90 -8.05
CA HIS A 223 0.73 -8.19 -6.71
C HIS A 223 -0.75 -7.87 -6.54
N GLY A 224 -1.55 -8.26 -7.54
CA GLY A 224 -2.98 -8.01 -7.48
C GLY A 224 -3.35 -6.54 -7.37
N GLY A 225 -2.49 -5.67 -7.87
CA GLY A 225 -2.77 -4.24 -7.82
C GLY A 225 -2.40 -3.57 -6.51
N GLY A 226 -1.51 -4.20 -5.76
CA GLY A 226 -1.09 -3.63 -4.49
C GLY A 226 -2.21 -3.68 -3.46
N ALA A 227 -2.82 -2.54 -3.18
CA ALA A 227 -3.92 -2.48 -2.23
C ALA A 227 -5.20 -2.00 -2.90
N VAL A 228 -5.15 -1.81 -4.21
CA VAL A 228 -6.30 -1.29 -4.94
C VAL A 228 -7.62 -2.06 -4.79
N PRO A 229 -7.64 -3.37 -5.08
CA PRO A 229 -8.88 -4.15 -4.96
C PRO A 229 -9.46 -4.15 -3.54
N TYR A 230 -8.57 -4.19 -2.56
CA TYR A 230 -8.99 -4.20 -1.15
C TYR A 230 -9.69 -2.89 -0.79
N HIS A 231 -9.32 -1.81 -1.48
CA HIS A 231 -9.91 -0.50 -1.25
C HIS A 231 -10.65 0.00 -2.48
N TRP A 232 -11.26 -0.93 -3.23
CA TRP A 232 -11.96 -0.57 -4.44
C TRP A 232 -13.03 0.50 -4.22
N GLY A 233 -13.78 0.40 -3.13
CA GLY A 233 -14.81 1.39 -2.85
C GLY A 233 -14.21 2.78 -2.71
N ARG A 234 -13.09 2.87 -2.00
CA ARG A 234 -12.41 4.15 -1.81
C ARG A 234 -12.00 4.76 -3.14
N PHE A 235 -11.46 3.94 -4.05
CA PHE A 235 -11.05 4.44 -5.35
C PHE A 235 -12.24 4.87 -6.21
N ARG A 236 -13.32 4.11 -6.17
CA ARG A 236 -14.51 4.47 -6.95
C ARG A 236 -15.04 5.79 -6.40
N GLY A 237 -15.00 5.93 -5.07
CA GLY A 237 -15.47 7.14 -4.43
C GLY A 237 -14.59 8.35 -4.73
N LEU A 238 -13.28 8.13 -4.82
CA LEU A 238 -12.36 9.21 -5.11
C LEU A 238 -12.56 9.65 -6.56
N ALA A 239 -12.87 8.69 -7.43
CA ALA A 239 -13.10 8.99 -8.83
C ALA A 239 -14.32 9.92 -8.93
N GLN A 240 -15.31 9.67 -8.09
CA GLN A 240 -16.52 10.48 -8.04
C GLN A 240 -16.19 11.91 -7.61
N GLU A 241 -15.44 12.02 -6.51
CA GLU A 241 -15.04 13.32 -5.98
C GLU A 241 -14.34 14.16 -7.07
N MSE A 242 -13.44 13.51 -7.79
CA MSE A 242 -12.68 14.20 -8.83
C MSE A 242 -13.45 14.35 -10.14
O MSE A 242 -12.88 14.79 -11.15
CB MSE A 242 -11.37 13.46 -9.08
CG MSE A 242 -10.48 13.40 -7.85
SE MSE A 242 -8.81 12.50 -8.19
CE MSE A 242 -9.36 10.70 -7.76
N LYS A 243 -14.73 14.01 -10.13
CA LYS A 243 -15.56 14.12 -11.31
C LYS A 243 -15.01 13.36 -12.51
N LYS A 244 -14.32 12.25 -12.23
CA LYS A 244 -13.75 11.41 -13.28
C LYS A 244 -14.80 10.40 -13.74
N PRO A 245 -14.62 9.83 -14.93
CA PRO A 245 -15.58 8.84 -15.43
C PRO A 245 -15.44 7.60 -14.54
N LEU A 246 -16.32 6.62 -14.69
CA LEU A 246 -16.24 5.41 -13.89
C LEU A 246 -14.91 4.72 -14.16
N LEU A 247 -14.34 4.09 -13.14
CA LEU A 247 -13.04 3.42 -13.31
C LEU A 247 -13.05 2.43 -14.47
N GLU A 248 -14.15 1.71 -14.65
CA GLU A 248 -14.25 0.76 -15.73
C GLU A 248 -13.90 1.36 -17.09
N ASP A 249 -14.26 2.61 -17.29
CA ASP A 249 -13.98 3.28 -18.55
C ASP A 249 -12.72 4.13 -18.48
N HIS A 250 -12.51 4.78 -17.34
CA HIS A 250 -11.36 5.64 -17.14
C HIS A 250 -9.99 4.96 -17.15
N VAL A 251 -9.90 3.77 -16.55
CA VAL A 251 -8.62 3.05 -16.50
C VAL A 251 -8.66 1.56 -16.81
N LEU A 252 -9.78 0.88 -16.60
CA LEU A 252 -9.79 -0.56 -16.83
C LEU A 252 -9.69 -1.06 -18.26
N ASN A 253 -9.48 -0.16 -19.22
CA ASN A 253 -9.28 -0.59 -20.59
C ASN A 253 -7.78 -0.50 -20.83
N ASN A 254 -7.05 0.01 -19.84
CA ASN A 254 -5.61 0.18 -19.97
C ASN A 254 -4.78 -0.41 -18.83
N ILE A 255 -5.41 -0.64 -17.68
CA ILE A 255 -4.70 -1.19 -16.52
C ILE A 255 -5.18 -2.60 -16.18
N PHE A 256 -4.21 -3.47 -15.94
CA PHE A 256 -4.46 -4.86 -15.61
C PHE A 256 -3.68 -5.25 -14.37
N PHE A 257 -4.16 -6.26 -13.64
CA PHE A 257 -3.51 -6.71 -12.41
C PHE A 257 -3.09 -8.17 -12.52
N ASP A 258 -1.94 -8.53 -11.96
CA ASP A 258 -1.53 -9.93 -12.00
C ASP A 258 -2.04 -10.62 -10.74
N THR A 259 -1.96 -11.95 -10.73
CA THR A 259 -2.45 -12.73 -9.60
C THR A 259 -1.43 -13.11 -8.53
N CYS A 260 -0.42 -12.27 -8.33
CA CYS A 260 0.58 -12.55 -7.30
C CYS A 260 0.04 -12.14 -5.94
N VAL A 261 -1.00 -12.85 -5.51
CA VAL A 261 -1.66 -12.67 -4.22
C VAL A 261 -1.56 -14.05 -3.61
N TYR A 262 -0.78 -14.16 -2.54
CA TYR A 262 -0.48 -15.44 -1.92
C TYR A 262 -1.41 -16.13 -0.92
N HIS A 263 -2.72 -16.05 -1.15
CA HIS A 263 -3.70 -16.74 -0.32
C HIS A 263 -5.06 -16.72 -0.99
N GLN A 264 -5.87 -17.74 -0.71
CA GLN A 264 -7.18 -17.85 -1.35
C GLN A 264 -8.13 -16.67 -1.10
N PRO A 265 -8.18 -16.15 0.14
CA PRO A 265 -9.08 -15.02 0.40
C PRO A 265 -8.76 -13.78 -0.44
N GLY A 266 -7.47 -13.54 -0.64
CA GLY A 266 -7.06 -12.39 -1.43
C GLY A 266 -7.45 -12.56 -2.89
N ILE A 267 -7.23 -13.77 -3.41
CA ILE A 267 -7.57 -14.06 -4.78
C ILE A 267 -9.08 -13.93 -4.95
N ASP A 268 -9.85 -14.45 -3.99
CA ASP A 268 -11.29 -14.35 -4.07
C ASP A 268 -11.76 -12.89 -4.10
N LEU A 269 -11.10 -12.02 -3.33
CA LEU A 269 -11.48 -10.59 -3.33
C LEU A 269 -11.17 -10.02 -4.71
N LEU A 270 -9.99 -10.33 -5.23
CA LEU A 270 -9.58 -9.85 -6.54
C LEU A 270 -10.65 -10.23 -7.57
N ASN A 271 -11.11 -11.48 -7.51
CA ASN A 271 -12.12 -11.96 -8.46
C ASN A 271 -13.53 -11.52 -8.12
N THR A 272 -13.70 -10.79 -7.01
CA THR A 272 -15.02 -10.31 -6.62
C THR A 272 -15.24 -8.88 -7.11
N VAL A 273 -14.18 -8.07 -7.09
CA VAL A 273 -14.31 -6.67 -7.50
C VAL A 273 -13.62 -6.26 -8.81
N ILE A 274 -12.70 -7.08 -9.31
CA ILE A 274 -12.01 -6.74 -10.56
C ILE A 274 -12.50 -7.65 -11.69
N PRO A 275 -12.92 -7.06 -12.82
CA PRO A 275 -13.41 -7.84 -13.97
C PRO A 275 -12.39 -8.88 -14.41
N VAL A 276 -12.88 -10.02 -14.89
CA VAL A 276 -11.99 -11.08 -15.35
C VAL A 276 -11.04 -10.57 -16.45
N ASP A 277 -11.54 -9.70 -17.32
CA ASP A 277 -10.70 -9.16 -18.41
C ASP A 277 -9.44 -8.46 -17.90
N ASN A 278 -9.46 -7.99 -16.65
CA ASN A 278 -8.32 -7.28 -16.10
C ASN A 278 -7.39 -8.10 -15.21
N VAL A 279 -7.61 -9.40 -15.17
CA VAL A 279 -6.80 -10.28 -14.32
C VAL A 279 -5.92 -11.23 -15.13
N LEU A 280 -4.60 -11.16 -14.89
CA LEU A 280 -3.65 -12.03 -15.59
C LEU A 280 -2.87 -12.91 -14.63
N PHE A 281 -2.78 -14.20 -14.95
CA PHE A 281 -2.06 -15.14 -14.09
C PHE A 281 -0.57 -14.81 -13.95
N ALA A 282 -0.08 -14.98 -12.74
CA ALA A 282 1.33 -14.74 -12.42
C ALA A 282 1.57 -15.34 -11.04
N SER A 283 2.81 -15.71 -10.72
CA SER A 283 3.10 -16.27 -9.42
C SER A 283 4.38 -15.70 -8.82
N GLU A 284 5.26 -15.19 -9.68
CA GLU A 284 6.54 -14.63 -9.26
C GLU A 284 7.26 -15.63 -8.34
N MSE A 285 7.41 -16.86 -8.82
CA MSE A 285 8.04 -17.93 -8.08
C MSE A 285 9.52 -17.70 -7.76
O MSE A 285 10.18 -16.89 -8.41
CB MSE A 285 7.92 -19.25 -8.83
CG MSE A 285 8.58 -19.22 -10.20
SE MSE A 285 8.88 -21.00 -10.93
CE MSE A 285 7.14 -21.74 -10.57
N ILE A 286 10.02 -18.44 -6.78
CA ILE A 286 11.41 -18.36 -6.34
C ILE A 286 11.79 -16.90 -6.17
N GLY A 287 10.93 -16.17 -5.46
CA GLY A 287 11.16 -14.76 -5.24
C GLY A 287 11.15 -14.40 -3.77
N ALA A 288 10.25 -13.50 -3.40
CA ALA A 288 10.13 -13.03 -2.02
C ALA A 288 9.74 -14.12 -1.02
N VAL A 289 8.65 -14.81 -1.30
CA VAL A 289 8.16 -15.85 -0.41
C VAL A 289 8.34 -17.23 -1.04
N ARG A 290 9.23 -18.04 -0.46
CA ARG A 290 9.48 -19.35 -1.01
C ARG A 290 9.08 -20.50 -0.10
N GLY A 291 8.36 -20.18 0.97
CA GLY A 291 7.97 -21.21 1.91
C GLY A 291 6.62 -21.87 1.68
N ILE A 292 6.33 -22.86 2.52
CA ILE A 292 5.09 -23.61 2.46
C ILE A 292 4.16 -23.15 3.59
N ASP A 293 2.86 -23.03 3.28
CA ASP A 293 1.86 -22.63 4.27
C ASP A 293 1.55 -23.89 5.08
N PRO A 294 1.94 -23.91 6.37
CA PRO A 294 1.70 -25.07 7.24
C PRO A 294 0.23 -25.49 7.37
N ARG A 295 -0.68 -24.56 7.09
CA ARG A 295 -2.09 -24.86 7.19
C ARG A 295 -2.65 -25.53 5.94
N THR A 296 -1.87 -25.57 4.86
CA THR A 296 -2.35 -26.20 3.63
C THR A 296 -1.36 -27.24 3.11
N GLY A 297 -0.09 -27.04 3.41
CA GLY A 297 0.94 -27.97 2.94
C GLY A 297 1.43 -27.60 1.56
N PHE A 298 0.94 -26.49 1.02
CA PHE A 298 1.35 -26.05 -0.31
C PHE A 298 2.12 -24.74 -0.21
N TYR A 299 2.87 -24.40 -1.25
CA TYR A 299 3.65 -23.17 -1.24
C TYR A 299 2.76 -21.95 -1.38
N TYR A 300 3.10 -20.89 -0.64
CA TYR A 300 2.35 -19.64 -0.68
C TYR A 300 2.25 -19.11 -2.09
N ASP A 301 3.35 -19.18 -2.84
CA ASP A 301 3.36 -18.64 -4.19
C ASP A 301 2.88 -19.54 -5.33
N ASP A 302 2.27 -20.67 -5.00
CA ASP A 302 1.72 -21.59 -6.00
C ASP A 302 0.31 -21.05 -6.27
N THR A 303 0.24 -19.89 -6.90
CA THR A 303 -1.01 -19.20 -7.19
C THR A 303 -2.00 -19.92 -8.09
N LYS A 304 -1.52 -20.82 -8.94
CA LYS A 304 -2.44 -21.55 -9.81
C LYS A 304 -3.45 -22.29 -8.95
N ARG A 305 -3.02 -22.78 -7.79
CA ARG A 305 -3.91 -23.49 -6.89
C ARG A 305 -5.12 -22.65 -6.47
N TYR A 306 -4.92 -21.35 -6.26
CA TYR A 306 -6.02 -20.47 -5.85
C TYR A 306 -7.00 -20.24 -6.99
N ILE A 307 -6.49 -20.17 -8.22
CA ILE A 307 -7.36 -19.97 -9.36
C ILE A 307 -8.17 -21.25 -9.56
N GLU A 308 -7.50 -22.40 -9.49
CA GLU A 308 -8.17 -23.69 -9.66
C GLU A 308 -9.23 -23.95 -8.59
N ALA A 309 -8.93 -23.58 -7.35
CA ALA A 309 -9.86 -23.78 -6.25
C ALA A 309 -11.00 -22.76 -6.20
N SER A 310 -10.91 -21.74 -7.03
CA SER A 310 -11.94 -20.70 -7.06
C SER A 310 -13.32 -21.22 -7.38
N THR A 311 -14.31 -20.79 -6.61
CA THR A 311 -15.69 -21.20 -6.86
C THR A 311 -16.44 -20.00 -7.43
N ILE A 312 -15.68 -18.95 -7.73
CA ILE A 312 -16.23 -17.72 -8.29
C ILE A 312 -16.06 -17.72 -9.80
N LEU A 313 -14.86 -18.11 -10.24
CA LEU A 313 -14.53 -18.16 -11.66
C LEU A 313 -15.06 -19.42 -12.34
N THR A 314 -15.51 -19.27 -13.58
CA THR A 314 -15.99 -20.40 -14.35
C THR A 314 -14.79 -20.96 -15.10
N PRO A 315 -14.89 -22.20 -15.60
CA PRO A 315 -13.79 -22.82 -16.33
C PRO A 315 -13.24 -21.91 -17.44
N GLU A 316 -14.14 -21.25 -18.16
CA GLU A 316 -13.75 -20.36 -19.25
C GLU A 316 -13.01 -19.12 -18.73
N GLU A 317 -13.52 -18.54 -17.65
CA GLU A 317 -12.89 -17.35 -17.08
C GLU A 317 -11.49 -17.68 -16.55
N LYS A 318 -11.32 -18.87 -16.01
CA LYS A 318 -10.02 -19.29 -15.50
C LYS A 318 -9.02 -19.38 -16.64
N GLN A 319 -9.46 -19.92 -17.77
CA GLN A 319 -8.60 -20.05 -18.94
C GLN A 319 -8.25 -18.67 -19.48
N GLN A 320 -9.16 -17.71 -19.29
CA GLN A 320 -8.92 -16.35 -19.75
C GLN A 320 -7.78 -15.78 -18.91
N ILE A 321 -7.80 -16.05 -17.62
CA ILE A 321 -6.77 -15.55 -16.72
C ILE A 321 -5.44 -16.27 -16.98
N TYR A 322 -5.50 -17.55 -17.34
CA TYR A 322 -4.29 -18.33 -17.61
C TYR A 322 -3.57 -17.99 -18.90
N GLU A 323 -4.30 -17.61 -19.94
CA GLU A 323 -3.66 -17.33 -21.23
C GLU A 323 -4.34 -16.27 -22.08
N GLY A 324 -5.66 -16.30 -22.14
CA GLY A 324 -6.41 -15.36 -22.93
C GLY A 324 -6.07 -13.89 -22.75
N ASN A 325 -6.07 -13.42 -21.51
CA ASN A 325 -5.77 -12.02 -21.27
C ASN A 325 -4.33 -11.63 -21.62
N ALA A 326 -3.39 -12.50 -21.26
CA ALA A 326 -1.98 -12.21 -21.56
C ALA A 326 -1.74 -12.07 -23.06
N ARG A 327 -2.40 -12.92 -23.85
CA ARG A 327 -2.21 -12.85 -25.30
C ARG A 327 -2.84 -11.58 -25.87
N ARG A 328 -3.83 -11.04 -25.17
CA ARG A 328 -4.47 -9.81 -25.63
C ARG A 328 -3.65 -8.60 -25.18
N VAL A 329 -3.17 -8.63 -23.94
CA VAL A 329 -2.37 -7.53 -23.41
C VAL A 329 -0.94 -7.50 -23.95
N TYR A 330 -0.44 -8.66 -24.35
CA TYR A 330 0.91 -8.79 -24.90
C TYR A 330 0.81 -9.26 -26.35
N PRO A 331 0.49 -8.34 -27.28
CA PRO A 331 0.36 -8.67 -28.70
C PRO A 331 1.56 -9.39 -29.32
N ARG A 332 2.77 -9.00 -28.95
CA ARG A 332 3.96 -9.64 -29.49
C ARG A 332 4.09 -11.07 -29.01
N LEU A 333 3.59 -11.35 -27.80
CA LEU A 333 3.64 -12.70 -27.26
C LEU A 333 2.64 -13.56 -28.03
N ASP A 334 1.45 -12.99 -28.26
CA ASP A 334 0.42 -13.69 -29.00
C ASP A 334 0.93 -14.07 -30.38
N ALA A 335 1.64 -13.14 -31.03
CA ALA A 335 2.18 -13.38 -32.36
C ALA A 335 3.23 -14.48 -32.38
N ALA A 336 4.15 -14.43 -31.41
CA ALA A 336 5.21 -15.43 -31.32
C ALA A 336 4.63 -16.83 -31.13
N LEU A 337 3.58 -16.92 -30.32
CA LEU A 337 2.93 -18.20 -30.06
C LEU A 337 2.28 -18.75 -31.34
N LYS A 338 1.69 -17.86 -32.13
CA LYS A 338 1.05 -18.27 -33.38
C LYS A 338 2.10 -18.70 -34.39
N ALA A 339 3.21 -17.96 -34.45
CA ALA A 339 4.28 -18.28 -35.39
C ALA A 339 4.87 -19.65 -35.04
N LYS A 340 5.06 -19.90 -33.74
CA LYS A 340 5.61 -21.16 -33.27
C LYS A 340 4.74 -22.33 -33.71
N GLY A 341 3.44 -22.19 -33.53
CA GLY A 341 2.52 -23.25 -33.92
C GLY A 341 2.33 -23.38 -35.41
N LYS A 342 2.65 -22.33 -36.15
CA LYS A 342 2.51 -22.34 -37.60
C LYS A 342 3.75 -22.88 -38.28
N LEU A 343 4.89 -22.24 -38.02
CA LEU A 343 6.16 -22.65 -38.62
C LEU A 343 6.53 -24.08 -38.26
N GLU A 344 5.83 -24.65 -37.28
CA GLU A 344 6.11 -26.03 -36.85
C GLU A 344 4.86 -26.89 -36.92
N HIS A 345 3.73 -26.30 -37.32
CA HIS A 345 2.48 -27.03 -37.42
C HIS A 345 2.16 -27.73 -36.11
N MSE B 1 -23.07 -0.27 23.04
CA MSE B 1 -22.91 1.03 22.33
C MSE B 1 -21.97 0.86 21.14
O MSE B 1 -21.30 -0.17 21.02
CB MSE B 1 -22.36 2.08 23.28
CG MSE B 1 -20.91 1.86 23.69
SE MSE B 1 -20.30 3.21 24.94
CE MSE B 1 -20.33 4.75 23.78
N ILE B 2 -21.94 1.87 20.28
CA ILE B 2 -21.11 1.86 19.07
C ILE B 2 -20.04 2.95 19.19
N ILE B 3 -18.77 2.53 19.18
CA ILE B 3 -17.64 3.45 19.28
C ILE B 3 -16.86 3.52 17.98
N ASP B 4 -16.75 4.73 17.43
CA ASP B 4 -16.02 4.98 16.17
C ASP B 4 -14.66 5.53 16.58
N ILE B 5 -13.60 4.74 16.47
CA ILE B 5 -12.28 5.21 16.90
C ILE B 5 -11.47 6.04 15.91
N HIS B 6 -12.05 6.37 14.77
CA HIS B 6 -11.31 7.16 13.77
C HIS B 6 -12.20 8.25 13.16
N GLY B 7 -11.99 9.48 13.61
CA GLY B 7 -12.77 10.59 13.11
C GLY B 7 -12.03 11.88 13.38
N HIS B 8 -12.06 12.80 12.41
CA HIS B 8 -11.36 14.08 12.55
C HIS B 8 -12.30 15.26 12.53
N TYR B 9 -11.89 16.34 13.20
CA TYR B 9 -12.69 17.54 13.26
C TYR B 9 -12.47 18.34 11.98
N THR B 10 -13.17 17.91 10.93
CA THR B 10 -13.06 18.51 9.60
C THR B 10 -14.07 19.61 9.31
N THR B 11 -14.87 19.93 10.31
CA THR B 11 -15.91 20.94 10.16
C THR B 11 -15.73 22.14 11.09
N ALA B 12 -14.50 22.40 11.50
CA ALA B 12 -14.23 23.51 12.41
C ALA B 12 -14.58 24.86 11.79
N PRO B 13 -14.93 25.85 12.63
CA PRO B 13 -15.26 27.19 12.13
C PRO B 13 -14.13 27.71 11.26
N LYS B 14 -14.45 28.48 10.23
CA LYS B 14 -13.42 28.98 9.32
C LYS B 14 -12.28 29.74 9.98
N ALA B 15 -12.52 30.28 11.17
CA ALA B 15 -11.49 31.03 11.90
C ALA B 15 -10.24 30.18 12.15
N LEU B 16 -10.42 28.87 12.33
CA LEU B 16 -9.29 27.98 12.58
C LEU B 16 -8.39 27.96 11.35
N GLU B 17 -8.96 27.65 10.19
CA GLU B 17 -8.18 27.61 8.96
C GLU B 17 -7.57 28.97 8.64
N ASP B 18 -8.31 30.05 8.91
CA ASP B 18 -7.80 31.39 8.66
C ASP B 18 -6.53 31.62 9.47
N TRP B 19 -6.55 31.21 10.74
CA TRP B 19 -5.39 31.40 11.61
C TRP B 19 -4.20 30.60 11.05
N ARG B 20 -4.47 29.39 10.59
CA ARG B 20 -3.42 28.54 10.03
C ARG B 20 -2.80 29.22 8.83
N ASN B 21 -3.63 29.78 7.95
CA ASN B 21 -3.11 30.46 6.76
C ASN B 21 -2.19 31.61 7.15
N ARG B 22 -2.54 32.31 8.22
CA ARG B 22 -1.71 33.42 8.69
C ARG B 22 -0.38 32.86 9.20
N GLN B 23 -0.46 31.76 9.96
CA GLN B 23 0.74 31.14 10.51
C GLN B 23 1.68 30.69 9.40
N ILE B 24 1.13 29.99 8.41
CA ILE B 24 1.92 29.51 7.29
C ILE B 24 2.56 30.67 6.55
N ALA B 25 1.78 31.72 6.32
CA ALA B 25 2.29 32.89 5.61
C ALA B 25 3.36 33.57 6.47
N GLY B 26 3.26 33.40 7.78
CA GLY B 26 4.20 34.01 8.70
C GLY B 26 5.57 33.35 8.70
N ILE B 27 5.64 32.13 8.17
CA ILE B 27 6.89 31.39 8.11
C ILE B 27 7.88 32.12 7.22
N LYS B 28 7.42 32.55 6.04
CA LYS B 28 8.28 33.28 5.11
C LYS B 28 8.20 34.77 5.34
N ASP B 29 7.12 35.21 5.98
CA ASP B 29 6.93 36.64 6.28
C ASP B 29 6.56 36.76 7.75
N PRO B 30 7.57 36.81 8.64
CA PRO B 30 7.33 36.93 10.08
C PRO B 30 6.54 38.17 10.48
N SER B 31 6.33 39.06 9.52
CA SER B 31 5.58 40.29 9.77
C SER B 31 4.08 40.02 9.86
N VAL B 32 3.64 38.92 9.27
CA VAL B 32 2.22 38.57 9.29
C VAL B 32 1.89 37.41 10.26
N MSE B 33 2.89 36.97 11.01
CA MSE B 33 2.70 35.89 11.97
C MSE B 33 1.63 36.27 12.99
O MSE B 33 1.69 37.33 13.62
CB MSE B 33 4.00 35.58 12.71
CG MSE B 33 4.74 34.33 12.21
SE MSE B 33 3.88 32.67 12.73
CE MSE B 33 4.93 31.44 11.66
N PRO B 34 0.60 35.41 13.16
CA PRO B 34 -0.50 35.67 14.09
C PRO B 34 -0.18 35.28 15.53
N LYS B 35 -0.96 35.81 16.46
CA LYS B 35 -0.80 35.50 17.87
C LYS B 35 -1.88 34.50 18.24
N VAL B 36 -1.57 33.56 19.12
CA VAL B 36 -2.54 32.56 19.53
C VAL B 36 -3.81 33.20 20.08
N SER B 37 -3.64 34.26 20.86
CA SER B 37 -4.78 34.95 21.46
C SER B 37 -5.71 35.58 20.43
N GLU B 38 -5.26 35.65 19.18
CA GLU B 38 -6.07 36.23 18.12
C GLU B 38 -7.12 35.24 17.61
N LEU B 39 -6.89 33.95 17.86
CA LEU B 39 -7.87 32.95 17.42
C LEU B 39 -9.04 32.94 18.38
N LYS B 40 -10.22 33.26 17.88
CA LYS B 40 -11.43 33.30 18.70
C LYS B 40 -12.57 32.52 18.07
N ILE B 41 -12.99 31.47 18.75
CA ILE B 41 -14.09 30.63 18.32
C ILE B 41 -14.97 30.44 19.55
N SER B 42 -16.25 30.81 19.43
CA SER B 42 -17.19 30.71 20.54
C SER B 42 -17.79 29.32 20.64
N ASP B 43 -18.40 29.02 21.79
CA ASP B 43 -19.04 27.72 21.97
C ASP B 43 -20.20 27.59 20.99
N ASP B 44 -20.89 28.69 20.72
CA ASP B 44 -22.01 28.64 19.80
C ASP B 44 -21.56 28.16 18.43
N GLU B 45 -20.43 28.70 17.96
CA GLU B 45 -19.89 28.31 16.67
C GLU B 45 -19.46 26.85 16.71
N LEU B 46 -18.88 26.44 17.84
CA LEU B 46 -18.43 25.07 18.01
C LEU B 46 -19.64 24.13 17.98
N GLN B 47 -20.66 24.45 18.78
CA GLN B 47 -21.86 23.62 18.85
C GLN B 47 -22.52 23.47 17.48
N ALA B 48 -22.57 24.58 16.74
CA ALA B 48 -23.18 24.57 15.41
C ALA B 48 -22.42 23.67 14.45
N SER B 49 -21.09 23.70 14.52
CA SER B 49 -20.28 22.88 13.61
C SER B 49 -20.50 21.39 13.85
N ILE B 50 -20.79 21.02 15.09
CA ILE B 50 -21.01 19.62 15.46
C ILE B 50 -22.45 19.15 15.23
N ILE B 51 -23.40 19.90 15.77
CA ILE B 51 -24.81 19.54 15.64
C ILE B 51 -25.26 19.36 14.20
N GLU B 52 -24.81 20.23 13.30
CA GLU B 52 -25.19 20.16 11.90
C GLU B 52 -24.41 19.13 11.09
N ASN B 53 -23.30 18.64 11.63
CA ASN B 53 -22.48 17.69 10.90
C ASN B 53 -22.27 16.34 11.58
N GLN B 54 -21.11 16.17 12.24
CA GLN B 54 -20.81 14.91 12.90
C GLN B 54 -21.93 14.35 13.77
N LEU B 55 -22.47 15.17 14.65
CA LEU B 55 -23.53 14.72 15.54
C LEU B 55 -24.75 14.24 14.76
N LYS B 56 -25.15 15.01 13.74
CA LYS B 56 -26.30 14.63 12.93
C LYS B 56 -26.08 13.28 12.24
N LYS B 57 -24.92 13.11 11.63
CA LYS B 57 -24.62 11.85 10.94
C LYS B 57 -24.50 10.66 11.89
N MSE B 58 -23.92 10.88 13.06
CA MSE B 58 -23.79 9.80 14.04
C MSE B 58 -25.19 9.30 14.44
O MSE B 58 -25.42 8.10 14.59
CB MSE B 58 -23.06 10.28 15.29
CG MSE B 58 -21.59 10.62 15.06
SE MSE B 58 -20.83 11.36 16.68
CE MSE B 58 -21.61 10.12 17.93
N GLN B 59 -26.12 10.24 14.60
CA GLN B 59 -27.49 9.90 14.97
C GLN B 59 -28.18 9.10 13.87
N GLU B 60 -28.02 9.55 12.63
CA GLU B 60 -28.63 8.87 11.49
C GLU B 60 -28.01 7.51 11.20
N ARG B 61 -26.73 7.36 11.53
CA ARG B 61 -26.03 6.10 11.26
C ARG B 61 -25.96 5.12 12.43
N GLY B 62 -26.36 5.56 13.62
CA GLY B 62 -26.34 4.67 14.76
C GLY B 62 -25.01 4.55 15.47
N SER B 63 -24.26 5.65 15.52
CA SER B 63 -22.97 5.68 16.20
C SER B 63 -23.17 6.45 17.48
N ASP B 64 -22.58 6.00 18.58
CA ASP B 64 -22.74 6.66 19.87
C ASP B 64 -21.59 7.55 20.33
N LEU B 65 -20.37 7.10 20.07
CA LEU B 65 -19.18 7.83 20.51
C LEU B 65 -18.05 7.76 19.49
N THR B 66 -17.40 8.89 19.26
CA THR B 66 -16.28 8.96 18.33
C THR B 66 -15.02 9.40 19.06
N VAL B 67 -13.89 8.75 18.77
CA VAL B 67 -12.61 9.15 19.36
C VAL B 67 -12.26 10.21 18.31
N PHE B 68 -12.35 11.47 18.73
CA PHE B 68 -12.18 12.64 17.87
C PHE B 68 -10.82 13.34 17.92
N SER B 69 -10.13 13.39 16.79
CA SER B 69 -8.83 14.04 16.72
C SER B 69 -8.77 15.13 15.66
N PRO B 70 -7.71 15.96 15.69
CA PRO B 70 -7.54 17.04 14.71
C PRO B 70 -7.32 16.45 13.32
N ARG B 71 -7.71 17.17 12.28
CA ARG B 71 -7.52 16.68 10.92
C ARG B 71 -6.05 16.68 10.55
N ALA B 72 -5.64 15.73 9.71
CA ALA B 72 -4.24 15.61 9.28
C ALA B 72 -3.71 16.89 8.66
N SER B 73 -3.94 17.04 7.35
CA SER B 73 -3.49 18.22 6.61
C SER B 73 -4.02 19.49 7.25
N ILE B 79 6.70 23.45 5.07
CA ILE B 79 6.48 23.07 6.46
C ILE B 79 7.33 23.94 7.39
N GLY B 80 6.84 24.18 8.60
CA GLY B 80 7.57 25.00 9.55
C GLY B 80 8.36 24.18 10.56
N ASP B 81 9.08 24.87 11.44
CA ASP B 81 9.87 24.20 12.46
C ASP B 81 9.02 23.76 13.65
N PHE B 82 9.68 23.30 14.71
CA PHE B 82 8.97 22.83 15.90
C PHE B 82 8.06 23.88 16.51
N ASN B 83 8.52 25.13 16.58
CA ASN B 83 7.71 26.20 17.15
C ASN B 83 6.34 26.27 16.50
N VAL B 84 6.31 26.19 15.17
CA VAL B 84 5.06 26.24 14.42
C VAL B 84 4.18 25.03 14.72
N SER B 85 4.79 23.85 14.65
CA SER B 85 4.08 22.61 14.90
C SER B 85 3.53 22.55 16.33
N SER B 86 4.34 23.00 17.29
CA SER B 86 3.94 23.01 18.69
C SER B 86 2.71 23.88 18.92
N THR B 87 2.75 25.10 18.41
CA THR B 87 1.63 26.03 18.58
C THR B 87 0.37 25.51 17.90
N TRP B 88 0.52 24.99 16.67
CA TRP B 88 -0.61 24.47 15.92
C TRP B 88 -1.25 23.26 16.59
N ALA B 89 -0.42 22.33 17.08
CA ALA B 89 -0.96 21.15 17.73
C ALA B 89 -1.73 21.54 19.00
N ALA B 90 -1.19 22.50 19.75
CA ALA B 90 -1.83 22.95 20.97
C ALA B 90 -3.23 23.49 20.69
N ILE B 91 -3.33 24.32 19.66
CA ILE B 91 -4.62 24.91 19.28
C ILE B 91 -5.62 23.84 18.85
N CYS B 92 -5.20 22.97 17.94
CA CYS B 92 -6.08 21.92 17.43
C CYS B 92 -6.54 20.95 18.51
N ASN B 93 -5.65 20.57 19.42
CA ASN B 93 -6.05 19.65 20.48
C ASN B 93 -7.04 20.32 21.43
N GLU B 94 -6.78 21.58 21.79
CA GLU B 94 -7.69 22.26 22.69
C GLU B 94 -9.09 22.37 22.11
N LEU B 95 -9.19 22.55 20.79
CA LEU B 95 -10.49 22.64 20.15
C LEU B 95 -11.22 21.30 20.26
N CYS B 96 -10.51 20.19 20.05
CA CYS B 96 -11.16 18.88 20.16
C CYS B 96 -11.61 18.68 21.60
N TYR B 97 -10.81 19.18 22.54
CA TYR B 97 -11.18 19.08 23.95
C TYR B 97 -12.47 19.86 24.20
N ARG B 98 -12.54 21.09 23.69
CA ARG B 98 -13.75 21.90 23.88
C ARG B 98 -14.97 21.19 23.31
N VAL B 99 -14.81 20.53 22.18
CA VAL B 99 -15.90 19.80 21.57
C VAL B 99 -16.34 18.67 22.50
N SER B 100 -15.37 17.99 23.11
CA SER B 100 -15.70 16.90 24.04
C SER B 100 -16.42 17.41 25.29
N GLN B 101 -16.13 18.64 25.70
CA GLN B 101 -16.79 19.20 26.86
C GLN B 101 -18.24 19.54 26.54
N LEU B 102 -18.47 20.04 25.34
CA LEU B 102 -19.82 20.42 24.88
C LEU B 102 -20.70 19.22 24.54
N PHE B 103 -20.09 18.12 24.14
CA PHE B 103 -20.81 16.89 23.79
C PHE B 103 -20.06 15.72 24.40
N PRO B 104 -19.98 15.68 25.74
CA PRO B 104 -19.28 14.63 26.48
C PRO B 104 -19.72 13.20 26.25
N ASP B 105 -20.95 13.01 25.77
CA ASP B 105 -21.44 11.66 25.53
C ASP B 105 -21.11 11.16 24.13
N ASN B 106 -20.71 12.07 23.24
CA ASN B 106 -20.45 11.69 21.86
C ASN B 106 -19.04 11.84 21.31
N PHE B 107 -18.19 12.60 22.00
CA PHE B 107 -16.83 12.80 21.54
C PHE B 107 -15.82 12.72 22.67
N ILE B 108 -14.71 12.04 22.43
CA ILE B 108 -13.63 11.93 23.40
C ILE B 108 -12.38 12.10 22.55
N GLY B 109 -11.44 12.91 23.01
CA GLY B 109 -10.26 13.20 22.20
C GLY B 109 -9.10 12.24 22.04
N ALA B 110 -8.41 12.39 20.91
CA ALA B 110 -7.19 11.64 20.59
C ALA B 110 -6.29 12.81 20.18
N ALA B 111 -5.02 12.74 20.56
CA ALA B 111 -4.11 13.84 20.32
C ALA B 111 -3.25 13.90 19.07
N MSE B 112 -3.13 15.10 18.54
CA MSE B 112 -2.26 15.39 17.41
C MSE B 112 -0.95 15.72 18.11
O MSE B 112 -0.96 16.44 19.11
CB MSE B 112 -2.75 16.62 16.65
CG MSE B 112 -1.77 17.13 15.62
SE MSE B 112 -2.34 18.81 14.85
CE MSE B 112 -0.66 19.27 13.97
N LEU B 113 0.18 15.22 17.60
CA LEU B 113 1.47 15.51 18.23
C LEU B 113 2.25 16.53 17.40
N PRO B 114 2.98 17.44 18.07
CA PRO B 114 3.77 18.46 17.36
C PRO B 114 5.05 17.95 16.74
N GLN B 115 4.91 16.95 15.87
CA GLN B 115 6.08 16.38 15.21
C GLN B 115 6.64 17.29 14.14
N SER B 116 7.93 17.12 13.88
CA SER B 116 8.62 17.93 12.90
C SER B 116 9.78 17.09 12.35
N PRO B 117 9.98 17.10 11.03
CA PRO B 117 11.03 16.35 10.33
C PRO B 117 12.39 16.36 11.01
N GLY B 118 12.85 15.20 11.45
CA GLY B 118 14.16 15.09 12.08
C GLY B 118 14.25 15.50 13.53
N VAL B 119 13.19 16.08 14.08
CA VAL B 119 13.21 16.53 15.47
C VAL B 119 12.89 15.37 16.42
N ASP B 120 13.70 15.24 17.46
CA ASP B 120 13.52 14.18 18.44
C ASP B 120 12.09 14.13 18.98
N PRO B 121 11.44 12.96 18.89
CA PRO B 121 10.06 12.74 19.35
C PRO B 121 9.82 13.13 20.81
N LYS B 122 10.89 13.21 21.59
CA LYS B 122 10.74 13.59 22.99
C LYS B 122 10.09 14.96 23.12
N THR B 123 10.28 15.78 22.10
CA THR B 123 9.71 17.13 22.10
C THR B 123 8.19 17.13 22.11
N CYS B 124 7.60 15.98 21.78
CA CYS B 124 6.15 15.84 21.73
C CYS B 124 5.53 15.40 23.05
N ILE B 125 6.36 14.98 23.99
CA ILE B 125 5.86 14.50 25.27
C ILE B 125 5.02 15.51 26.06
N PRO B 126 5.46 16.78 26.13
CA PRO B 126 4.67 17.77 26.87
C PRO B 126 3.22 17.87 26.41
N GLU B 127 3.00 17.91 25.09
CA GLU B 127 1.63 17.99 24.57
C GLU B 127 0.88 16.69 24.81
N LEU B 128 1.56 15.57 24.64
CA LEU B 128 0.96 14.26 24.86
C LEU B 128 0.44 14.17 26.30
N GLU B 129 1.29 14.49 27.25
CA GLU B 129 0.89 14.43 28.67
C GLU B 129 -0.24 15.39 28.99
N LYS B 130 -0.19 16.59 28.42
CA LYS B 130 -1.24 17.58 28.66
C LYS B 130 -2.58 17.05 28.17
N CYS B 131 -2.61 16.52 26.95
CA CYS B 131 -3.86 15.99 26.40
C CYS B 131 -4.42 14.85 27.23
N VAL B 132 -3.56 13.93 27.64
CA VAL B 132 -4.03 12.79 28.43
C VAL B 132 -4.46 13.18 29.84
N LYS B 133 -3.62 13.92 30.54
CA LYS B 133 -3.91 14.33 31.92
C LYS B 133 -4.89 15.48 32.12
N GLU B 134 -4.81 16.50 31.27
CA GLU B 134 -5.70 17.65 31.39
C GLU B 134 -6.97 17.58 30.55
N TYR B 135 -6.87 17.05 29.33
CA TYR B 135 -8.03 16.97 28.45
C TYR B 135 -8.77 15.63 28.50
N GLY B 136 -8.16 14.63 29.14
CA GLY B 136 -8.79 13.33 29.23
C GLY B 136 -8.75 12.54 27.94
N PHE B 137 -7.82 12.88 27.04
CA PHE B 137 -7.71 12.16 25.77
C PHE B 137 -7.34 10.70 26.03
N VAL B 138 -7.71 9.83 25.10
CA VAL B 138 -7.48 8.40 25.28
C VAL B 138 -6.50 7.73 24.33
N ALA B 139 -5.90 8.51 23.45
CA ALA B 139 -4.95 7.96 22.49
C ALA B 139 -4.23 9.08 21.78
N ILE B 140 -3.22 8.73 21.00
CA ILE B 140 -2.48 9.72 20.23
C ILE B 140 -2.44 9.26 18.79
N ASN B 141 -2.25 10.21 17.90
CA ASN B 141 -2.11 9.93 16.48
C ASN B 141 -0.60 10.10 16.30
N LEU B 142 0.08 9.04 15.89
CA LEU B 142 1.52 9.09 15.70
C LEU B 142 1.85 9.04 14.23
N ASN B 143 2.49 10.10 13.73
CA ASN B 143 2.85 10.17 12.32
C ASN B 143 4.19 9.50 12.09
N PRO B 144 4.21 8.37 11.36
CA PRO B 144 5.46 7.65 11.10
C PRO B 144 6.39 8.35 10.11
N ASP B 145 5.85 9.29 9.34
CA ASP B 145 6.65 10.01 8.35
C ASP B 145 6.21 11.47 8.23
N PRO B 146 6.62 12.31 9.19
CA PRO B 146 6.26 13.74 9.19
C PRO B 146 6.74 14.51 7.97
N SER B 147 7.68 13.92 7.23
CA SER B 147 8.21 14.57 6.02
C SER B 147 7.10 14.72 4.98
N THR B 152 13.86 11.21 4.73
CA THR B 152 13.69 9.81 5.12
C THR B 152 13.38 9.72 6.61
N SER B 153 12.34 8.97 6.96
CA SER B 153 11.95 8.82 8.36
C SER B 153 12.35 7.45 8.91
N PRO B 154 12.93 7.41 10.12
CA PRO B 154 13.35 6.15 10.73
C PRO B 154 12.17 5.21 11.01
N PRO B 155 12.36 3.89 10.78
CA PRO B 155 11.28 2.94 11.01
C PRO B 155 10.78 2.95 12.46
N LEU B 156 9.53 2.55 12.63
CA LEU B 156 8.91 2.51 13.96
C LEU B 156 9.68 1.63 14.95
N THR B 157 10.51 0.73 14.44
CA THR B 157 11.28 -0.15 15.29
C THR B 157 12.58 0.51 15.79
N ASP B 158 12.91 1.69 15.28
CA ASP B 158 14.13 2.40 15.71
C ASP B 158 13.96 2.98 17.11
N ARG B 159 15.05 3.01 17.87
CA ARG B 159 15.00 3.53 19.24
C ARG B 159 14.66 5.00 19.36
N ILE B 160 14.68 5.73 18.24
CA ILE B 160 14.36 7.15 18.29
C ILE B 160 12.92 7.32 18.82
N TRP B 161 12.06 6.36 18.54
CA TRP B 161 10.68 6.42 18.98
C TRP B 161 10.44 5.88 20.40
N TYR B 162 11.43 5.21 20.99
CA TYR B 162 11.26 4.62 22.31
C TYR B 162 10.70 5.51 23.42
N PRO B 163 11.08 6.80 23.48
CA PRO B 163 10.55 7.68 24.53
C PRO B 163 9.03 7.85 24.44
N ILE B 164 8.50 7.80 23.22
CA ILE B 164 7.06 7.92 23.02
C ILE B 164 6.43 6.62 23.49
N TYR B 165 7.03 5.49 23.11
CA TYR B 165 6.50 4.20 23.51
C TYR B 165 6.48 4.06 25.03
N GLU B 166 7.55 4.50 25.70
CA GLU B 166 7.61 4.42 27.16
C GLU B 166 6.44 5.18 27.77
N LYS B 167 6.15 6.37 27.22
CA LYS B 167 5.04 7.18 27.72
C LYS B 167 3.69 6.55 27.42
N MSE B 168 3.57 5.94 26.24
CA MSE B 168 2.32 5.29 25.87
C MSE B 168 1.99 4.14 26.83
O MSE B 168 0.85 4.00 27.27
CB MSE B 168 2.41 4.75 24.44
CG MSE B 168 2.39 5.82 23.36
SE MSE B 168 2.75 5.05 21.62
CE MSE B 168 1.39 3.67 21.62
N VAL B 169 2.99 3.34 27.18
CA VAL B 169 2.79 2.23 28.10
C VAL B 169 2.45 2.75 29.49
N GLU B 170 3.19 3.77 29.92
CA GLU B 170 2.96 4.39 31.22
C GLU B 170 1.52 4.89 31.39
N LEU B 171 1.02 5.62 30.41
CA LEU B 171 -0.32 6.19 30.47
C LEU B 171 -1.44 5.30 29.93
N GLU B 172 -1.07 4.14 29.40
CA GLU B 172 -2.01 3.18 28.84
C GLU B 172 -2.84 3.77 27.72
N ILE B 173 -2.16 4.26 26.69
CA ILE B 173 -2.81 4.82 25.52
C ILE B 173 -2.23 4.21 24.26
N PRO B 174 -3.08 3.85 23.30
CA PRO B 174 -2.64 3.26 22.04
C PRO B 174 -2.31 4.41 21.09
N ALA B 175 -1.69 4.10 19.97
CA ALA B 175 -1.34 5.12 18.99
C ALA B 175 -1.92 4.70 17.65
N MSE B 176 -2.56 5.63 16.94
CA MSE B 176 -3.04 5.28 15.61
C MSE B 176 -1.90 5.77 14.72
O MSE B 176 -1.48 6.93 14.85
CB MSE B 176 -4.33 6.04 15.24
CG MSE B 176 -4.83 5.69 13.83
SE MSE B 176 -6.57 6.42 13.44
CE MSE B 176 -7.67 5.05 14.24
N ILE B 177 -1.38 4.89 13.89
CA ILE B 177 -0.30 5.26 12.97
C ILE B 177 -1.01 6.08 11.91
N HIS B 178 -0.69 7.36 11.82
CA HIS B 178 -1.39 8.23 10.89
C HIS B 178 -0.52 9.30 10.24
N VAL B 179 -0.36 9.21 8.93
CA VAL B 179 0.44 10.21 8.21
C VAL B 179 -0.47 11.37 7.83
N SER B 180 0.13 12.50 7.49
CA SER B 180 -0.62 13.69 7.09
C SER B 180 -0.68 13.80 5.57
N GLY B 191 -3.07 10.90 -3.33
CA GLY B 191 -4.46 10.82 -2.93
C GLY B 191 -4.73 9.65 -2.01
N ALA B 192 -3.79 8.71 -1.93
CA ALA B 192 -3.93 7.53 -1.09
C ALA B 192 -2.60 7.18 -0.44
N HIS B 193 -1.81 8.20 -0.14
CA HIS B 193 -0.50 8.01 0.49
C HIS B 193 -0.64 7.28 1.82
N TYR B 194 -1.72 7.57 2.54
CA TYR B 194 -1.95 6.95 3.84
C TYR B 194 -2.06 5.43 3.78
N LEU B 195 -2.53 4.89 2.66
CA LEU B 195 -2.65 3.44 2.52
C LEU B 195 -1.25 2.83 2.52
N ASN B 196 -0.31 3.49 1.86
CA ASN B 196 1.06 3.01 1.79
C ASN B 196 1.71 3.02 3.17
N ALA B 197 1.49 4.11 3.91
CA ALA B 197 2.07 4.22 5.25
C ALA B 197 1.57 3.11 6.18
N ASP B 198 0.30 2.71 6.02
CA ASP B 198 -0.26 1.65 6.86
C ASP B 198 0.50 0.35 6.62
N THR B 199 0.70 0.01 5.35
CA THR B 199 1.40 -1.21 4.98
C THR B 199 2.85 -1.20 5.45
N THR B 200 3.51 -0.06 5.26
CA THR B 200 4.91 0.08 5.68
C THR B 200 5.05 -0.11 7.18
N ALA B 201 4.17 0.53 7.96
CA ALA B 201 4.24 0.41 9.41
C ALA B 201 4.14 -1.05 9.83
N PHE B 202 3.20 -1.78 9.25
CA PHE B 202 3.02 -3.19 9.58
C PHE B 202 4.27 -4.00 9.23
N MSE B 203 4.79 -3.79 8.03
CA MSE B 203 5.97 -4.52 7.57
C MSE B 203 7.16 -4.29 8.50
O MSE B 203 7.90 -5.22 8.82
CB MSE B 203 6.35 -4.09 6.14
CG MSE B 203 7.60 -4.74 5.58
SE MSE B 203 7.41 -6.64 5.25
CE MSE B 203 8.66 -7.33 6.55
N GLN B 204 7.35 -3.05 8.94
CA GLN B 204 8.47 -2.75 9.84
C GLN B 204 8.34 -3.54 11.14
N CYS B 205 7.11 -3.65 11.65
CA CYS B 205 6.90 -4.40 12.89
C CYS B 205 7.14 -5.89 12.69
N VAL B 206 6.72 -6.42 11.56
CA VAL B 206 6.92 -7.84 11.28
C VAL B 206 8.43 -8.14 11.19
N ALA B 207 9.18 -7.23 10.59
CA ALA B 207 10.62 -7.40 10.41
C ALA B 207 11.42 -7.26 11.71
N GLY B 208 10.93 -6.46 12.64
CA GLY B 208 11.65 -6.28 13.89
C GLY B 208 11.11 -7.10 15.05
N ASP B 209 11.35 -6.62 16.27
CA ASP B 209 10.88 -7.29 17.49
C ASP B 209 10.54 -6.24 18.53
N LEU B 210 9.86 -5.19 18.08
CA LEU B 210 9.48 -4.08 18.96
C LEU B 210 8.67 -4.48 20.19
N PHE B 211 7.73 -5.40 20.01
CA PHE B 211 6.86 -5.79 21.11
C PHE B 211 7.54 -6.70 22.11
N LYS B 212 8.80 -7.03 21.82
CA LYS B 212 9.61 -7.83 22.73
C LYS B 212 10.05 -6.81 23.79
N ASP B 213 10.35 -5.60 23.33
CA ASP B 213 10.78 -4.52 24.23
C ASP B 213 9.63 -3.81 24.93
N PHE B 214 8.48 -3.74 24.25
CA PHE B 214 7.29 -3.08 24.78
C PHE B 214 6.09 -4.00 24.58
N PRO B 215 5.98 -5.07 25.38
CA PRO B 215 4.86 -6.01 25.25
C PRO B 215 3.47 -5.39 25.37
N GLU B 216 3.38 -4.29 26.12
CA GLU B 216 2.11 -3.61 26.34
C GLU B 216 1.68 -2.67 25.22
N LEU B 217 2.64 -2.29 24.39
CA LEU B 217 2.41 -1.33 23.30
C LEU B 217 1.35 -1.70 22.29
N LYS B 218 0.45 -0.75 22.01
CA LYS B 218 -0.60 -1.01 21.04
C LYS B 218 -0.70 0.04 19.95
N PHE B 219 -0.68 -0.45 18.71
CA PHE B 219 -0.80 0.38 17.53
C PHE B 219 -2.10 0.05 16.81
N VAL B 220 -2.76 1.07 16.30
CA VAL B 220 -3.97 0.88 15.53
C VAL B 220 -3.58 1.34 14.14
N ILE B 221 -3.67 0.46 13.15
CA ILE B 221 -3.33 0.84 11.78
C ILE B 221 -4.67 1.05 11.09
N PRO B 222 -4.92 2.27 10.60
CA PRO B 222 -6.19 2.56 9.94
C PRO B 222 -6.38 1.97 8.54
N HIS B 223 -7.56 2.25 7.98
CA HIS B 223 -7.94 1.80 6.66
C HIS B 223 -7.82 0.30 6.49
N GLY B 224 -8.26 -0.42 7.52
CA GLY B 224 -8.21 -1.88 7.48
C GLY B 224 -6.81 -2.47 7.33
N GLY B 225 -5.80 -1.73 7.78
CA GLY B 225 -4.44 -2.24 7.69
C GLY B 225 -3.77 -1.97 6.35
N GLY B 226 -4.28 -1.01 5.60
CA GLY B 226 -3.69 -0.70 4.31
C GLY B 226 -3.87 -1.85 3.34
N ALA B 227 -2.77 -2.48 2.93
CA ALA B 227 -2.85 -3.60 1.99
C ALA B 227 -2.60 -4.93 2.72
N VAL B 228 -2.32 -4.85 4.01
CA VAL B 228 -2.00 -6.05 4.78
C VAL B 228 -2.95 -7.26 4.67
N PRO B 229 -4.24 -7.10 4.98
CA PRO B 229 -5.15 -8.25 4.87
C PRO B 229 -5.20 -8.85 3.47
N TYR B 230 -5.19 -7.98 2.47
CA TYR B 230 -5.23 -8.43 1.08
C TYR B 230 -4.00 -9.29 0.75
N HIS B 231 -2.87 -9.01 1.40
CA HIS B 231 -1.66 -9.77 1.18
C HIS B 231 -1.22 -10.54 2.43
N TRP B 232 -2.22 -11.03 3.18
CA TRP B 232 -1.96 -11.75 4.41
C TRP B 232 -1.04 -12.96 4.23
N GLY B 233 -1.21 -13.69 3.12
CA GLY B 233 -0.38 -14.85 2.88
C GLY B 233 1.07 -14.44 2.74
N ARG B 234 1.30 -13.33 2.05
CA ARG B 234 2.65 -12.82 1.84
C ARG B 234 3.30 -12.48 3.18
N PHE B 235 2.56 -11.83 4.07
CA PHE B 235 3.13 -11.47 5.36
C PHE B 235 3.37 -12.69 6.26
N ARG B 236 2.49 -13.69 6.17
CA ARG B 236 2.71 -14.90 6.98
C ARG B 236 3.98 -15.57 6.44
N GLY B 237 4.10 -15.61 5.11
CA GLY B 237 5.26 -16.22 4.50
C GLY B 237 6.57 -15.49 4.80
N LEU B 238 6.51 -14.17 4.88
CA LEU B 238 7.70 -13.37 5.17
C LEU B 238 8.16 -13.59 6.61
N ALA B 239 7.22 -13.66 7.54
CA ALA B 239 7.56 -13.88 8.95
C ALA B 239 8.23 -15.25 9.07
N GLN B 240 7.75 -16.18 8.25
CA GLN B 240 8.27 -17.54 8.25
C GLN B 240 9.74 -17.53 7.81
N GLU B 241 10.01 -16.91 6.67
CA GLU B 241 11.37 -16.83 6.14
C GLU B 241 12.32 -16.08 7.07
N MSE B 242 11.79 -15.11 7.82
CA MSE B 242 12.61 -14.34 8.72
C MSE B 242 12.73 -15.02 10.08
O MSE B 242 13.28 -14.46 11.03
CB MSE B 242 12.03 -12.93 8.88
CG MSE B 242 12.01 -12.15 7.58
SE MSE B 242 11.54 -10.28 7.83
CE MSE B 242 9.63 -10.45 7.75
N LYS B 243 12.22 -16.24 10.16
CA LYS B 243 12.28 -17.02 11.39
C LYS B 243 11.63 -16.34 12.59
N LYS B 244 10.52 -15.66 12.34
CA LYS B 244 9.78 -14.98 13.41
C LYS B 244 8.65 -15.89 13.88
N PRO B 245 8.05 -15.58 15.03
CA PRO B 245 6.94 -16.40 15.51
C PRO B 245 5.77 -16.15 14.57
N LEU B 246 4.69 -16.91 14.69
CA LEU B 246 3.53 -16.68 13.84
C LEU B 246 3.05 -15.25 14.10
N LEU B 247 2.45 -14.61 13.09
CA LEU B 247 1.98 -13.23 13.25
C LEU B 247 1.02 -13.11 14.42
N GLU B 248 0.21 -14.14 14.64
CA GLU B 248 -0.73 -14.13 15.74
C GLU B 248 -0.06 -13.77 17.07
N ASP B 249 1.18 -14.22 17.25
CA ASP B 249 1.93 -13.94 18.47
C ASP B 249 2.95 -12.81 18.27
N HIS B 250 3.54 -12.75 17.09
CA HIS B 250 4.54 -11.73 16.81
C HIS B 250 4.00 -10.30 16.80
N VAL B 251 2.82 -10.10 16.22
CA VAL B 251 2.25 -8.75 16.17
C VAL B 251 0.78 -8.60 16.54
N LEU B 252 -0.02 -9.67 16.47
CA LEU B 252 -1.44 -9.53 16.75
C LEU B 252 -1.91 -9.32 18.19
N ASN B 253 -0.97 -9.21 19.13
CA ASN B 253 -1.36 -8.91 20.50
C ASN B 253 -1.01 -7.43 20.69
N ASN B 254 -0.46 -6.83 19.65
CA ASN B 254 -0.03 -5.42 19.68
C ASN B 254 -0.53 -4.54 18.53
N ILE B 255 -0.96 -5.15 17.43
CA ILE B 255 -1.44 -4.37 16.29
C ILE B 255 -2.90 -4.65 16.00
N PHE B 256 -3.66 -3.58 15.78
CA PHE B 256 -5.10 -3.66 15.53
C PHE B 256 -5.43 -2.87 14.28
N PHE B 257 -6.51 -3.27 13.60
CA PHE B 257 -6.92 -2.60 12.36
C PHE B 257 -8.32 -1.99 12.51
N ASP B 258 -8.54 -0.80 11.97
CA ASP B 258 -9.88 -0.21 12.06
C ASP B 258 -10.66 -0.62 10.81
N THR B 259 -11.97 -0.40 10.82
CA THR B 259 -12.81 -0.81 9.72
C THR B 259 -13.07 0.25 8.64
N CYS B 260 -12.13 1.15 8.41
CA CYS B 260 -12.31 2.16 7.38
C CYS B 260 -12.01 1.57 6.00
N VAL B 261 -12.86 0.63 5.59
CA VAL B 261 -12.78 -0.04 4.30
C VAL B 261 -14.16 0.22 3.74
N TYR B 262 -14.21 0.98 2.64
CA TYR B 262 -15.49 1.40 2.08
C TYR B 262 -16.28 0.55 1.09
N HIS B 263 -16.36 -0.75 1.33
CA HIS B 263 -17.16 -1.66 0.50
C HIS B 263 -17.25 -3.01 1.18
N GLN B 264 -18.37 -3.70 0.97
CA GLN B 264 -18.59 -5.00 1.60
C GLN B 264 -17.50 -6.03 1.31
N PRO B 265 -17.08 -6.17 0.05
CA PRO B 265 -16.04 -7.16 -0.27
C PRO B 265 -14.76 -6.98 0.55
N GLY B 266 -14.36 -5.73 0.77
CA GLY B 266 -13.16 -5.47 1.54
C GLY B 266 -13.37 -5.82 3.01
N ILE B 267 -14.53 -5.45 3.54
CA ILE B 267 -14.83 -5.75 4.93
C ILE B 267 -14.86 -7.27 5.09
N ASP B 268 -15.45 -7.96 4.12
CA ASP B 268 -15.51 -9.41 4.21
C ASP B 268 -14.10 -10.03 4.19
N LEU B 269 -13.20 -9.50 3.37
CA LEU B 269 -11.84 -10.05 3.35
C LEU B 269 -11.23 -9.81 4.73
N LEU B 270 -11.38 -8.59 5.23
CA LEU B 270 -10.85 -8.24 6.54
C LEU B 270 -11.31 -9.22 7.62
N ASN B 271 -12.59 -9.54 7.64
CA ASN B 271 -13.13 -10.45 8.64
C ASN B 271 -12.85 -11.93 8.35
N THR B 272 -12.30 -12.20 7.17
CA THR B 272 -11.98 -13.58 6.81
C THR B 272 -10.59 -13.97 7.31
N VAL B 273 -9.64 -13.04 7.17
CA VAL B 273 -8.26 -13.33 7.59
C VAL B 273 -7.75 -12.68 8.87
N ILE B 274 -8.41 -11.63 9.35
CA ILE B 274 -7.95 -10.99 10.58
C ILE B 274 -8.85 -11.37 11.75
N PRO B 275 -8.27 -11.84 12.86
CA PRO B 275 -9.07 -12.24 14.03
C PRO B 275 -9.97 -11.12 14.50
N VAL B 276 -11.16 -11.48 15.00
CA VAL B 276 -12.10 -10.48 15.48
C VAL B 276 -11.48 -9.59 16.56
N ASP B 277 -10.66 -10.17 17.43
CA ASP B 277 -10.00 -9.41 18.49
C ASP B 277 -9.20 -8.22 17.93
N ASN B 278 -8.75 -8.34 16.69
CA ASN B 278 -7.92 -7.29 16.09
C ASN B 278 -8.63 -6.27 15.19
N VAL B 279 -9.96 -6.30 15.19
CA VAL B 279 -10.74 -5.38 14.36
C VAL B 279 -11.53 -4.40 15.22
N LEU B 280 -11.29 -3.11 14.99
CA LEU B 280 -11.95 -2.03 15.74
C LEU B 280 -12.82 -1.21 14.80
N PHE B 281 -14.09 -1.02 15.16
CA PHE B 281 -14.99 -0.22 14.32
C PHE B 281 -14.54 1.23 14.14
N ALA B 282 -14.67 1.73 12.92
CA ALA B 282 -14.30 3.12 12.61
C ALA B 282 -14.87 3.46 11.24
N SER B 283 -15.06 4.74 10.95
CA SER B 283 -15.60 5.12 9.65
C SER B 283 -14.90 6.33 9.02
N GLU B 284 -14.28 7.16 9.85
CA GLU B 284 -13.61 8.37 9.38
C GLU B 284 -14.55 9.17 8.48
N MSE B 285 -15.74 9.44 9.01
CA MSE B 285 -16.78 10.18 8.31
C MSE B 285 -16.42 11.63 8.04
O MSE B 285 -15.55 12.21 8.71
CB MSE B 285 -18.09 10.13 9.13
CG MSE B 285 -18.00 10.79 10.51
SE MSE B 285 -19.72 11.39 11.20
CE MSE B 285 -20.62 9.69 11.34
N ILE B 286 -17.09 12.22 7.06
CA ILE B 286 -16.86 13.61 6.67
C ILE B 286 -15.37 13.82 6.46
N GLY B 287 -14.75 12.87 5.75
CA GLY B 287 -13.32 12.95 5.49
C GLY B 287 -12.97 12.85 4.03
N ALA B 288 -12.16 11.85 3.69
CA ALA B 288 -11.70 11.64 2.32
C ALA B 288 -12.79 11.34 1.30
N VAL B 289 -13.63 10.37 1.58
CA VAL B 289 -14.70 10.00 0.67
C VAL B 289 -16.06 10.34 1.25
N ARG B 290 -16.73 11.34 0.68
CA ARG B 290 -18.03 11.75 1.21
C ARG B 290 -19.17 11.48 0.23
N GLY B 291 -18.88 10.76 -0.84
CA GLY B 291 -19.91 10.47 -1.82
C GLY B 291 -20.78 9.26 -1.52
N ILE B 292 -21.80 9.08 -2.36
CA ILE B 292 -22.73 7.98 -2.23
C ILE B 292 -22.42 6.95 -3.30
N ASP B 293 -22.37 5.67 -2.90
CA ASP B 293 -22.11 4.59 -3.86
C ASP B 293 -23.44 4.36 -4.57
N PRO B 294 -23.52 4.70 -5.86
CA PRO B 294 -24.75 4.52 -6.63
C PRO B 294 -25.27 3.08 -6.72
N ARG B 295 -24.39 2.12 -6.47
CA ARG B 295 -24.79 0.71 -6.53
C ARG B 295 -25.41 0.22 -5.23
N THR B 296 -24.93 0.74 -4.11
CA THR B 296 -25.48 0.34 -2.81
C THR B 296 -26.56 1.32 -2.38
N GLY B 297 -26.47 2.55 -2.86
CA GLY B 297 -27.46 3.55 -2.52
C GLY B 297 -27.12 4.35 -1.29
N PHE B 298 -26.08 3.95 -0.57
CA PHE B 298 -25.70 4.68 0.64
C PHE B 298 -24.25 5.15 0.59
N TYR B 299 -23.84 5.97 1.56
CA TYR B 299 -22.49 6.51 1.57
C TYR B 299 -21.40 5.45 1.72
N TYR B 300 -20.31 5.64 0.96
CA TYR B 300 -19.17 4.73 0.99
C TYR B 300 -18.66 4.55 2.41
N ASP B 301 -18.57 5.64 3.16
CA ASP B 301 -18.05 5.59 4.53
C ASP B 301 -19.00 5.25 5.67
N ASP B 302 -20.20 4.79 5.35
CA ASP B 302 -21.17 4.40 6.38
C ASP B 302 -20.80 2.94 6.65
N THR B 303 -19.60 2.75 7.21
CA THR B 303 -19.07 1.41 7.47
C THR B 303 -19.87 0.52 8.41
N LYS B 304 -20.65 1.10 9.32
CA LYS B 304 -21.43 0.25 10.22
C LYS B 304 -22.33 -0.68 9.40
N ARG B 305 -22.78 -0.23 8.23
CA ARG B 305 -23.65 -1.07 7.41
C ARG B 305 -22.95 -2.33 6.93
N TYR B 306 -21.64 -2.25 6.69
CA TYR B 306 -20.90 -3.43 6.24
C TYR B 306 -20.77 -4.45 7.37
N ILE B 307 -20.60 -3.96 8.59
CA ILE B 307 -20.49 -4.86 9.74
C ILE B 307 -21.86 -5.49 9.98
N GLU B 308 -22.91 -4.67 9.95
CA GLU B 308 -24.26 -5.17 10.17
C GLU B 308 -24.65 -6.20 9.12
N ALA B 309 -24.28 -5.94 7.87
CA ALA B 309 -24.61 -6.84 6.77
C ALA B 309 -23.79 -8.13 6.73
N SER B 310 -22.67 -8.15 7.45
CA SER B 310 -21.80 -9.32 7.45
C SER B 310 -22.48 -10.61 7.93
N THR B 311 -22.22 -11.70 7.21
CA THR B 311 -22.77 -13.00 7.56
C THR B 311 -21.64 -13.84 8.14
N ILE B 312 -20.43 -13.29 8.09
CA ILE B 312 -19.26 -14.00 8.61
C ILE B 312 -19.18 -13.82 10.12
N LEU B 313 -19.48 -12.60 10.58
CA LEU B 313 -19.44 -12.27 12.00
C LEU B 313 -20.70 -12.66 12.76
N THR B 314 -20.52 -13.15 13.98
CA THR B 314 -21.68 -13.51 14.80
C THR B 314 -22.10 -12.21 15.48
N PRO B 315 -23.30 -12.18 16.07
CA PRO B 315 -23.78 -10.97 16.75
C PRO B 315 -22.80 -10.52 17.83
N GLU B 316 -22.28 -11.47 18.59
CA GLU B 316 -21.34 -11.18 19.67
C GLU B 316 -20.04 -10.61 19.11
N GLU B 317 -19.60 -11.11 17.96
CA GLU B 317 -18.37 -10.62 17.38
C GLU B 317 -18.55 -9.20 16.87
N LYS B 318 -19.75 -8.87 16.41
CA LYS B 318 -19.98 -7.52 15.92
C LYS B 318 -19.90 -6.55 17.09
N GLN B 319 -20.42 -6.95 18.25
CA GLN B 319 -20.37 -6.07 19.43
C GLN B 319 -18.93 -5.89 19.88
N GLN B 320 -18.10 -6.90 19.65
CA GLN B 320 -16.68 -6.82 20.00
C GLN B 320 -16.08 -5.73 19.13
N ILE B 321 -16.39 -5.78 17.84
CA ILE B 321 -15.87 -4.79 16.91
C ILE B 321 -16.41 -3.39 17.20
N TYR B 322 -17.67 -3.30 17.63
CA TYR B 322 -18.28 -2.00 17.93
C TYR B 322 -17.84 -1.37 19.25
N GLU B 323 -17.56 -2.19 20.25
CA GLU B 323 -17.20 -1.65 21.57
C GLU B 323 -16.16 -2.42 22.39
N GLY B 324 -16.36 -3.73 22.52
CA GLY B 324 -15.46 -4.55 23.30
C GLY B 324 -13.97 -4.35 23.05
N ASN B 325 -13.58 -4.41 21.77
CA ASN B 325 -12.17 -4.27 21.44
C ASN B 325 -11.60 -2.91 21.78
N ALA B 326 -12.34 -1.84 21.48
CA ALA B 326 -11.86 -0.51 21.77
C ALA B 326 -11.66 -0.32 23.27
N ARG B 327 -12.53 -0.90 24.09
CA ARG B 327 -12.38 -0.75 25.53
C ARG B 327 -11.16 -1.48 26.10
N ARG B 328 -10.68 -2.49 25.37
CA ARG B 328 -9.50 -3.23 25.82
C ARG B 328 -8.24 -2.55 25.27
N VAL B 329 -8.28 -2.09 24.02
CA VAL B 329 -7.13 -1.43 23.41
C VAL B 329 -6.90 -0.01 23.96
N TYR B 330 -7.98 0.64 24.39
CA TYR B 330 -7.93 2.00 24.94
C TYR B 330 -8.34 1.98 26.43
N PRO B 331 -7.45 1.54 27.32
CA PRO B 331 -7.79 1.50 28.76
C PRO B 331 -8.34 2.81 29.34
N ARG B 332 -7.86 3.95 28.84
CA ARG B 332 -8.34 5.24 29.32
C ARG B 332 -9.80 5.45 28.91
N LEU B 333 -10.17 4.87 27.79
CA LEU B 333 -11.54 4.97 27.29
C LEU B 333 -12.46 4.12 28.17
N ASP B 334 -12.01 2.90 28.47
CA ASP B 334 -12.80 2.01 29.31
C ASP B 334 -13.04 2.69 30.66
N ALA B 335 -12.00 3.31 31.21
CA ALA B 335 -12.11 4.00 32.49
C ALA B 335 -13.07 5.19 32.43
N ALA B 336 -13.03 5.94 31.33
CA ALA B 336 -13.91 7.09 31.20
C ALA B 336 -15.37 6.66 31.11
N LEU B 337 -15.62 5.56 30.41
CA LEU B 337 -16.98 5.06 30.26
C LEU B 337 -17.52 4.54 31.59
N LYS B 338 -16.69 3.80 32.32
CA LYS B 338 -17.12 3.27 33.62
C LYS B 338 -17.43 4.39 34.61
N ALA B 339 -16.66 5.47 34.56
CA ALA B 339 -16.85 6.59 35.48
C ALA B 339 -18.13 7.36 35.14
N LYS B 340 -18.41 7.49 33.85
CA LYS B 340 -19.58 8.22 33.38
C LYS B 340 -20.87 7.55 33.85
N GLY B 341 -20.95 6.24 33.68
CA GLY B 341 -22.13 5.52 34.09
C GLY B 341 -22.32 5.53 35.59
N LYS B 342 -21.22 5.61 36.31
CA LYS B 342 -21.24 5.63 37.77
C LYS B 342 -21.77 6.95 38.31
N LEU B 343 -21.48 8.03 37.60
CA LEU B 343 -21.92 9.36 38.03
C LEU B 343 -23.40 9.55 37.70
N GLU B 344 -23.84 8.98 36.58
CA GLU B 344 -25.24 9.10 36.17
C GLU B 344 -26.14 8.19 37.00
N HIS B 345 -25.54 7.23 37.68
CA HIS B 345 -26.30 6.30 38.51
C HIS B 345 -26.53 6.89 39.89
ZN ZN C . 8.71 -8.63 -9.57
ZN ZN D . -7.48 9.84 9.65
#